data_3H4J
#
_entry.id   3H4J
#
_cell.length_a   128.964
_cell.length_b   128.964
_cell.length_c   106.872
_cell.angle_alpha   90.00
_cell.angle_beta   90.00
_cell.angle_gamma   120.00
#
_symmetry.space_group_name_H-M   'P 65'
#
loop_
_entity.id
_entity.type
_entity.pdbx_description
1 polymer 'SNF1-like protein kinase ssp2'
2 water water
#
_entity_poly.entity_id   1
_entity_poly.type   'polypeptide(L)'
_entity_poly.pdbx_seq_one_letter_code
;MAISKRHIGPYIIRETLGEGSFGKVKLATHYKTQQKVALKFISRQLLKKSDMHMRVEREISYLKLLRHPHIIKLYDVITT
PTDIVMVIEYAGGELFDYIVEKKRMTEDEGRRFFQQIICAIEYCHRHKIVHRDLKPENLLLDDNLNVKIADFGLSNIMTD
GNFLKTSCGSPNYAAPEVINGKLYAGPEVDVWSCGIVLYVMLVGRLPFDDEFIPNLFKKVNSCVYVMPDFLSPGAQSLIR
RMIVADPMQRITIQEIRRDPWFNVNLPDYLRPMEEVQGSYADSRIVSKLGEAMGFSEDYIVEALRSDENNEVKEAYNLLH
ENQVIQEKLEHHHHHH
;
_entity_poly.pdbx_strand_id   B,A
#
# COMPACT_ATOMS: atom_id res chain seq x y z
N SER A 4 9.96 14.77 -26.64
CA SER A 4 9.54 14.17 -27.95
C SER A 4 9.16 15.23 -28.97
N LYS A 5 8.36 14.83 -29.95
CA LYS A 5 7.91 15.73 -31.01
C LYS A 5 6.59 16.38 -30.57
N ARG A 6 6.14 16.00 -29.38
CA ARG A 6 4.90 16.49 -28.78
C ARG A 6 3.75 15.61 -29.24
N HIS A 7 4.04 14.76 -30.22
CA HIS A 7 3.03 13.86 -30.77
C HIS A 7 3.49 12.42 -30.77
N ILE A 8 2.54 11.50 -30.79
CA ILE A 8 2.83 10.07 -30.92
C ILE A 8 1.55 9.40 -31.41
N GLY A 9 1.56 9.12 -32.72
CA GLY A 9 0.42 8.52 -33.36
C GLY A 9 -0.67 9.55 -33.43
N PRO A 10 -1.94 9.19 -33.23
CA PRO A 10 -3.04 10.17 -33.29
C PRO A 10 -3.04 11.00 -31.99
N TYR A 11 -2.25 10.56 -31.03
CA TYR A 11 -2.24 11.24 -29.74
C TYR A 11 -1.23 12.37 -29.52
N ILE A 12 -1.72 13.61 -29.41
CA ILE A 12 -0.78 14.70 -29.13
C ILE A 12 -0.62 14.83 -27.61
N ILE A 13 0.65 14.78 -27.16
CA ILE A 13 0.98 14.85 -25.75
C ILE A 13 0.35 16.10 -25.17
N ARG A 14 0.14 16.10 -23.86
CA ARG A 14 -0.54 17.21 -23.20
C ARG A 14 -0.01 17.53 -21.80
N GLU A 15 0.57 16.54 -21.13
CA GLU A 15 1.17 16.74 -19.81
C GLU A 15 1.65 15.42 -19.23
N THR A 16 2.74 15.45 -18.49
CA THR A 16 3.20 14.20 -17.93
C THR A 16 2.61 14.10 -16.53
N LEU A 17 1.90 13.00 -16.31
CA LEU A 17 1.18 12.81 -15.06
C LEU A 17 1.93 12.20 -13.91
N GLY A 18 2.95 11.40 -14.22
CA GLY A 18 3.70 10.77 -13.16
C GLY A 18 4.80 9.92 -13.77
N GLU A 19 5.59 9.32 -12.89
CA GLU A 19 6.71 8.50 -13.29
C GLU A 19 6.62 7.03 -12.90
N GLY A 20 6.61 6.17 -13.90
CA GLY A 20 6.60 4.75 -13.66
C GLY A 20 8.04 4.30 -13.86
N SER A 21 8.46 3.29 -13.10
CA SER A 21 9.82 2.76 -13.19
C SER A 21 10.53 2.87 -14.54
N PHE A 22 9.88 2.35 -15.57
CA PHE A 22 10.42 2.33 -16.94
C PHE A 22 10.11 3.52 -17.79
N GLY A 23 9.68 4.62 -17.18
CA GLY A 23 9.37 5.78 -17.99
C GLY A 23 8.24 6.61 -17.47
N LYS A 24 7.97 7.72 -18.16
CA LYS A 24 6.93 8.63 -17.77
C LYS A 24 5.54 8.13 -18.17
N VAL A 25 4.51 8.60 -17.47
CA VAL A 25 3.12 8.27 -17.79
C VAL A 25 2.52 9.62 -18.19
N LYS A 26 2.17 9.74 -19.45
CA LYS A 26 1.67 11.01 -19.95
C LYS A 26 0.19 11.05 -20.37
N LEU A 27 -0.41 12.24 -20.28
CA LEU A 27 -1.80 12.42 -20.69
C LEU A 27 -1.80 12.93 -22.11
N ALA A 28 -2.62 12.31 -22.96
CA ALA A 28 -2.71 12.73 -24.36
C ALA A 28 -4.16 12.70 -24.88
N THR A 29 -4.37 13.40 -25.98
CA THR A 29 -5.69 13.49 -26.55
C THR A 29 -5.62 13.18 -28.03
N HIS A 30 -6.52 12.31 -28.48
CA HIS A 30 -6.55 11.94 -29.88
C HIS A 30 -6.68 13.27 -30.61
N TYR A 31 -5.80 13.47 -31.59
CA TYR A 31 -5.70 14.72 -32.33
C TYR A 31 -6.93 15.29 -33.04
N LYS A 32 -7.88 14.44 -33.44
CA LYS A 32 -9.07 14.92 -34.10
C LYS A 32 -10.27 14.81 -33.16
N THR A 33 -10.28 13.72 -32.39
CA THR A 33 -11.34 13.38 -31.44
C THR A 33 -11.34 14.07 -30.06
N GLN A 34 -10.17 14.47 -29.61
CA GLN A 34 -10.00 15.12 -28.31
C GLN A 34 -9.95 14.12 -27.16
N GLN A 35 -10.24 12.85 -27.45
CA GLN A 35 -10.23 11.81 -26.43
C GLN A 35 -8.98 11.73 -25.55
N LYS A 36 -9.14 12.00 -24.27
CA LYS A 36 -8.03 11.89 -23.38
C LYS A 36 -7.64 10.40 -23.42
N VAL A 37 -6.47 10.06 -22.92
CA VAL A 37 -6.00 8.68 -22.96
C VAL A 37 -4.74 8.77 -22.10
N ALA A 38 -4.26 7.65 -21.58
CA ALA A 38 -3.04 7.69 -20.76
C ALA A 38 -1.91 6.99 -21.53
N LEU A 39 -0.81 7.71 -21.80
CA LEU A 39 0.33 7.14 -22.54
C LEU A 39 1.41 6.59 -21.60
N LYS A 40 1.52 5.27 -21.50
CA LYS A 40 2.54 4.72 -20.61
C LYS A 40 3.81 4.38 -21.37
N PHE A 41 4.87 5.05 -20.97
CA PHE A 41 6.18 4.92 -21.59
C PHE A 41 7.14 3.85 -21.13
N ILE A 42 7.55 2.99 -22.06
CA ILE A 42 8.54 2.00 -21.71
C ILE A 42 9.77 2.16 -22.59
N SER A 43 10.89 2.42 -21.92
CA SER A 43 12.19 2.60 -22.54
C SER A 43 12.70 1.28 -23.08
N ARG A 44 13.05 1.25 -24.36
CA ARG A 44 13.56 0.02 -24.97
C ARG A 44 14.97 -0.23 -24.42
N GLN A 45 15.63 0.88 -24.08
CA GLN A 45 16.95 0.83 -23.48
C GLN A 45 16.79 -0.03 -22.23
N LEU A 46 16.14 0.55 -21.23
CA LEU A 46 15.90 -0.11 -19.95
C LEU A 46 15.32 -1.52 -20.07
N LEU A 47 14.57 -1.76 -21.14
CA LEU A 47 14.01 -3.08 -21.34
C LEU A 47 15.15 -4.06 -21.54
N LYS A 48 16.00 -3.76 -22.54
CA LYS A 48 17.16 -4.61 -22.80
C LYS A 48 17.97 -4.84 -21.53
N LYS A 49 18.32 -3.72 -20.86
CA LYS A 49 19.08 -3.78 -19.60
C LYS A 49 18.67 -4.83 -18.58
N SER A 50 17.38 -5.10 -18.49
CA SER A 50 16.86 -6.05 -17.49
C SER A 50 16.78 -7.51 -17.93
N ASP A 51 17.52 -7.88 -18.96
CA ASP A 51 17.49 -9.24 -19.46
C ASP A 51 16.07 -9.79 -19.53
N MET A 52 15.12 -8.90 -19.78
CA MET A 52 13.73 -9.30 -19.95
C MET A 52 12.90 -8.24 -20.65
N HIS A 53 12.39 -8.65 -21.80
CA HIS A 53 11.62 -7.83 -22.70
C HIS A 53 10.63 -8.75 -23.39
N MET A 54 10.95 -10.03 -23.36
CA MET A 54 10.10 -11.02 -24.00
C MET A 54 8.79 -11.21 -23.24
N ARG A 55 8.86 -11.33 -21.92
CA ARG A 55 7.65 -11.51 -21.13
C ARG A 55 6.76 -10.27 -21.23
N VAL A 56 7.37 -9.10 -21.40
CA VAL A 56 6.61 -7.86 -21.55
C VAL A 56 5.99 -7.78 -22.94
N GLU A 57 6.84 -7.82 -23.96
CA GLU A 57 6.41 -7.78 -25.36
C GLU A 57 5.17 -8.63 -25.61
N ARG A 58 5.08 -9.77 -24.91
CA ARG A 58 3.95 -10.67 -25.08
C ARG A 58 2.84 -10.41 -24.06
N GLU A 59 3.21 -10.06 -22.84
CA GLU A 59 2.19 -9.77 -21.85
C GLU A 59 1.30 -8.67 -22.41
N ILE A 60 1.90 -7.77 -23.19
CA ILE A 60 1.16 -6.66 -23.76
C ILE A 60 0.41 -6.98 -25.06
N SER A 61 0.99 -7.75 -25.97
CA SER A 61 0.26 -8.07 -27.19
C SER A 61 -0.93 -8.94 -26.79
N TYR A 62 -0.87 -9.44 -25.56
CA TYR A 62 -1.93 -10.26 -25.01
C TYR A 62 -3.07 -9.33 -24.56
N LEU A 63 -2.71 -8.32 -23.78
CA LEU A 63 -3.69 -7.34 -23.30
C LEU A 63 -4.41 -6.71 -24.47
N LYS A 64 -3.70 -6.59 -25.59
CA LYS A 64 -4.24 -6.03 -26.81
C LYS A 64 -5.67 -6.50 -27.07
N LEU A 65 -6.02 -7.67 -26.58
CA LEU A 65 -7.36 -8.18 -26.81
C LEU A 65 -8.32 -8.34 -25.63
N LEU A 66 -8.09 -7.61 -24.53
CA LEU A 66 -9.05 -7.65 -23.42
C LEU A 66 -9.84 -6.36 -23.57
N ARG A 67 -11.14 -6.48 -23.77
CA ARG A 67 -12.00 -5.32 -23.87
C ARG A 67 -13.26 -5.55 -23.05
N HIS A 68 -13.12 -5.37 -21.73
CA HIS A 68 -14.22 -5.52 -20.76
C HIS A 68 -14.62 -4.13 -20.23
N PRO A 69 -15.91 -3.88 -20.04
CA PRO A 69 -16.37 -2.57 -19.55
C PRO A 69 -15.87 -2.09 -18.18
N HIS A 70 -15.36 -3.01 -17.35
CA HIS A 70 -14.89 -2.59 -16.05
C HIS A 70 -13.42 -2.88 -15.79
N ILE A 71 -12.67 -3.02 -16.88
CA ILE A 71 -11.23 -3.22 -16.78
C ILE A 71 -10.64 -2.22 -17.74
N ILE A 72 -9.65 -1.44 -17.27
CA ILE A 72 -9.02 -0.40 -18.10
C ILE A 72 -8.40 -1.03 -19.34
N LYS A 73 -8.81 -0.54 -20.51
CA LYS A 73 -8.36 -1.06 -21.80
C LYS A 73 -7.00 -0.64 -22.34
N LEU A 74 -6.33 -1.57 -23.03
CA LEU A 74 -5.07 -1.24 -23.70
C LEU A 74 -5.57 -1.06 -25.12
N TYR A 75 -5.60 0.17 -25.60
CA TYR A 75 -6.11 0.40 -26.94
C TYR A 75 -5.14 0.05 -28.03
N ASP A 76 -3.86 0.28 -27.72
CA ASP A 76 -2.82 0.09 -28.69
C ASP A 76 -1.44 0.12 -28.07
N VAL A 77 -0.46 -0.42 -28.79
CA VAL A 77 0.92 -0.37 -28.33
C VAL A 77 1.61 0.32 -29.50
N ILE A 78 2.37 1.37 -29.21
CA ILE A 78 3.05 2.10 -30.27
C ILE A 78 4.53 2.14 -29.96
N THR A 79 5.35 1.57 -30.84
CA THR A 79 6.78 1.59 -30.58
C THR A 79 7.46 2.74 -31.31
N THR A 80 8.29 3.47 -30.59
CA THR A 80 9.03 4.56 -31.18
C THR A 80 10.46 4.11 -31.06
N PRO A 81 11.35 4.70 -31.86
CA PRO A 81 12.78 4.40 -31.89
C PRO A 81 13.34 4.24 -30.47
N THR A 82 12.78 5.00 -29.54
CA THR A 82 13.27 4.97 -28.18
C THR A 82 12.38 4.32 -27.11
N ASP A 83 11.06 4.29 -27.33
CA ASP A 83 10.14 3.73 -26.34
C ASP A 83 9.04 2.87 -26.91
N ILE A 84 8.51 1.94 -26.12
CA ILE A 84 7.32 1.24 -26.58
C ILE A 84 6.30 1.91 -25.65
N VAL A 85 5.28 2.54 -26.25
CA VAL A 85 4.27 3.26 -25.48
C VAL A 85 2.88 2.62 -25.54
N MET A 86 2.38 2.22 -24.36
CA MET A 86 1.06 1.60 -24.26
C MET A 86 0.00 2.71 -24.17
N VAL A 87 -1.03 2.62 -25.03
CA VAL A 87 -2.14 3.60 -25.05
C VAL A 87 -3.23 3.04 -24.14
N ILE A 88 -3.25 3.56 -22.92
CA ILE A 88 -4.16 3.10 -21.88
C ILE A 88 -5.41 3.95 -21.62
N GLU A 89 -6.56 3.28 -21.50
CA GLU A 89 -7.81 3.98 -21.25
C GLU A 89 -7.71 4.93 -20.06
N TYR A 90 -8.28 6.11 -20.23
CA TYR A 90 -8.24 7.15 -19.19
C TYR A 90 -9.39 7.15 -18.19
N ALA A 91 -9.06 7.27 -16.90
CA ALA A 91 -10.09 7.35 -15.86
C ALA A 91 -9.56 8.22 -14.69
N GLY A 92 -10.28 9.32 -14.42
CA GLY A 92 -9.88 10.24 -13.37
C GLY A 92 -10.30 10.03 -11.92
N GLY A 93 -11.20 9.09 -11.64
CA GLY A 93 -11.61 8.89 -10.26
C GLY A 93 -11.13 7.63 -9.60
N GLU A 94 -11.28 7.56 -8.29
CA GLU A 94 -10.89 6.40 -7.50
C GLU A 94 -12.12 6.01 -6.67
N LEU A 95 -12.49 4.74 -6.78
CA LEU A 95 -13.64 4.20 -6.05
C LEU A 95 -13.65 4.50 -4.55
N PHE A 96 -12.54 4.26 -3.85
CA PHE A 96 -12.52 4.53 -2.40
C PHE A 96 -12.74 6.00 -2.06
N ASP A 97 -12.20 6.90 -2.88
CA ASP A 97 -12.40 8.31 -2.65
C ASP A 97 -13.91 8.55 -2.63
N TYR A 98 -14.62 7.92 -3.55
CA TYR A 98 -16.05 8.07 -3.61
C TYR A 98 -16.68 7.43 -2.39
N ILE A 99 -16.13 6.30 -1.96
CA ILE A 99 -16.65 5.62 -0.79
C ILE A 99 -16.70 6.54 0.41
N VAL A 100 -15.56 7.11 0.80
CA VAL A 100 -15.54 7.97 1.98
C VAL A 100 -16.25 9.31 1.83
N GLU A 101 -16.47 9.79 0.60
CA GLU A 101 -17.21 11.03 0.40
C GLU A 101 -18.67 10.69 0.62
N LYS A 102 -19.12 9.59 0.04
CA LYS A 102 -20.51 9.17 0.21
C LYS A 102 -20.66 8.65 1.67
N LYS A 103 -19.50 8.43 2.21
CA LYS A 103 -19.44 7.75 3.51
C LYS A 103 -20.11 6.48 3.03
N ARG A 104 -21.18 6.12 3.58
CA ARG A 104 -21.83 4.81 3.55
C ARG A 104 -22.85 4.87 2.40
N MET A 105 -22.79 3.87 1.53
CA MET A 105 -23.69 3.80 0.38
C MET A 105 -24.94 2.98 0.63
N THR A 106 -25.88 3.03 -0.31
CA THR A 106 -27.08 2.23 -0.16
C THR A 106 -26.73 0.87 -0.71
N GLU A 107 -27.61 -0.09 -0.48
CA GLU A 107 -27.39 -1.41 -1.01
C GLU A 107 -27.50 -1.41 -2.51
N ASP A 108 -28.43 -0.65 -3.05
CA ASP A 108 -28.52 -0.64 -4.49
C ASP A 108 -27.21 -0.12 -5.09
N GLU A 109 -26.49 0.72 -4.35
CA GLU A 109 -25.20 1.26 -4.82
C GLU A 109 -24.05 0.28 -4.63
N GLY A 110 -23.88 -0.21 -3.42
CA GLY A 110 -22.80 -1.16 -3.20
C GLY A 110 -22.92 -2.29 -4.21
N ARG A 111 -24.11 -2.87 -4.29
CA ARG A 111 -24.34 -3.96 -5.22
C ARG A 111 -24.05 -3.61 -6.68
N ARG A 112 -24.37 -2.39 -7.09
CA ARG A 112 -24.13 -1.99 -8.49
C ARG A 112 -22.65 -2.12 -8.80
N PHE A 113 -21.84 -1.52 -7.93
CA PHE A 113 -20.39 -1.53 -8.05
C PHE A 113 -19.82 -2.95 -7.97
N PHE A 114 -20.32 -3.69 -6.99
CA PHE A 114 -19.87 -5.05 -6.71
C PHE A 114 -20.07 -6.00 -7.88
N GLN A 115 -21.17 -5.79 -8.61
CA GLN A 115 -21.46 -6.62 -9.76
C GLN A 115 -20.42 -6.34 -10.82
N GLN A 116 -20.06 -5.07 -10.95
CA GLN A 116 -19.09 -4.67 -11.96
C GLN A 116 -17.75 -5.29 -11.67
N ILE A 117 -17.35 -5.29 -10.40
CA ILE A 117 -16.07 -5.85 -10.03
C ILE A 117 -16.07 -7.38 -10.15
N ILE A 118 -17.09 -8.03 -9.60
CA ILE A 118 -17.16 -9.49 -9.65
C ILE A 118 -17.17 -9.97 -11.09
N CYS A 119 -17.90 -9.29 -11.96
CA CYS A 119 -17.94 -9.71 -13.35
C CYS A 119 -16.62 -9.45 -14.05
N ALA A 120 -15.93 -8.42 -13.62
CA ALA A 120 -14.63 -8.10 -14.20
C ALA A 120 -13.64 -9.21 -13.91
N ILE A 121 -13.53 -9.63 -12.65
CA ILE A 121 -12.53 -10.65 -12.37
C ILE A 121 -12.92 -12.06 -12.82
N GLU A 122 -14.21 -12.28 -13.08
CA GLU A 122 -14.69 -13.56 -13.59
C GLU A 122 -14.25 -13.67 -15.03
N TYR A 123 -14.23 -12.53 -15.71
CA TYR A 123 -13.83 -12.46 -17.12
C TYR A 123 -12.34 -12.75 -17.22
N CYS A 124 -11.60 -12.46 -16.16
CA CYS A 124 -10.17 -12.73 -16.10
C CYS A 124 -10.03 -14.23 -15.87
N HIS A 125 -10.42 -14.67 -14.67
CA HIS A 125 -10.37 -16.08 -14.32
C HIS A 125 -10.70 -16.97 -15.51
N ARG A 126 -11.67 -16.51 -16.30
CA ARG A 126 -12.13 -17.26 -17.47
C ARG A 126 -11.18 -17.21 -18.65
N HIS A 127 -10.36 -16.17 -18.72
CA HIS A 127 -9.42 -16.08 -19.82
C HIS A 127 -8.01 -16.10 -19.26
N LYS A 128 -7.90 -16.68 -18.08
CA LYS A 128 -6.64 -16.86 -17.39
C LYS A 128 -5.70 -15.64 -17.38
N ILE A 129 -6.22 -14.46 -17.12
CA ILE A 129 -5.40 -13.26 -17.06
C ILE A 129 -5.07 -13.05 -15.59
N VAL A 130 -3.99 -12.31 -15.34
CA VAL A 130 -3.54 -12.03 -13.99
C VAL A 130 -3.80 -10.58 -13.54
N HIS A 131 -4.73 -9.91 -14.23
CA HIS A 131 -5.14 -8.52 -13.93
C HIS A 131 -5.96 -8.62 -12.66
N ARG A 132 -5.35 -9.19 -11.62
CA ARG A 132 -6.04 -9.41 -10.36
C ARG A 132 -5.55 -8.70 -9.08
N ASP A 133 -4.79 -7.60 -9.24
CA ASP A 133 -4.34 -6.83 -8.08
C ASP A 133 -5.54 -5.97 -7.72
N LEU A 134 -6.09 -6.16 -6.53
CA LEU A 134 -7.26 -5.39 -6.15
C LEU A 134 -7.03 -4.57 -4.88
N LYS A 135 -6.29 -3.49 -4.99
CA LYS A 135 -6.06 -2.63 -3.85
C LYS A 135 -6.72 -1.32 -4.26
N PRO A 136 -7.00 -0.42 -3.30
CA PRO A 136 -7.65 0.85 -3.61
C PRO A 136 -7.16 1.58 -4.86
N GLU A 137 -5.87 1.46 -5.14
CA GLU A 137 -5.26 2.15 -6.28
C GLU A 137 -5.69 1.57 -7.60
N ASN A 138 -5.98 0.28 -7.59
CA ASN A 138 -6.39 -0.44 -8.79
C ASN A 138 -7.87 -0.26 -9.07
N LEU A 139 -8.62 0.14 -8.06
CA LEU A 139 -10.06 0.33 -8.23
C LEU A 139 -10.43 1.73 -8.67
N LEU A 140 -10.33 2.01 -9.96
CA LEU A 140 -10.66 3.35 -10.44
C LEU A 140 -12.16 3.51 -10.77
N LEU A 141 -12.52 4.74 -11.12
CA LEU A 141 -13.89 5.13 -11.47
C LEU A 141 -13.87 6.17 -12.59
N ASP A 142 -14.81 6.07 -13.53
CA ASP A 142 -14.88 7.08 -14.57
C ASP A 142 -16.00 8.08 -14.24
N ASP A 143 -16.31 8.97 -15.17
CA ASP A 143 -17.32 9.99 -14.90
C ASP A 143 -18.78 9.49 -14.73
N ASN A 144 -19.01 8.23 -15.11
CA ASN A 144 -20.32 7.62 -14.99
C ASN A 144 -20.36 6.77 -13.73
N LEU A 145 -19.33 6.90 -12.91
CA LEU A 145 -19.22 6.12 -11.69
C LEU A 145 -19.08 4.63 -12.02
N ASN A 146 -18.46 4.31 -13.15
CA ASN A 146 -18.25 2.92 -13.50
C ASN A 146 -16.90 2.50 -12.94
N VAL A 147 -16.83 1.32 -12.34
CA VAL A 147 -15.55 0.83 -11.84
C VAL A 147 -14.65 0.43 -13.04
N LYS A 148 -13.37 0.79 -12.97
CA LYS A 148 -12.38 0.47 -13.99
C LYS A 148 -11.20 -0.12 -13.24
N ILE A 149 -11.03 -1.44 -13.35
CA ILE A 149 -9.93 -2.07 -12.64
C ILE A 149 -8.68 -1.79 -13.46
N ALA A 150 -7.68 -1.28 -12.77
CA ALA A 150 -6.45 -0.92 -13.45
C ALA A 150 -5.24 -1.60 -12.85
N ASP A 151 -4.57 -2.40 -13.67
CA ASP A 151 -3.35 -3.07 -13.22
C ASP A 151 -2.30 -2.88 -14.31
N PHE A 152 -1.79 -1.65 -14.35
CA PHE A 152 -0.78 -1.25 -15.30
C PHE A 152 0.36 -0.61 -14.55
N GLY A 153 0.54 -1.00 -13.30
CA GLY A 153 1.59 -0.41 -12.51
C GLY A 153 1.51 1.09 -12.62
N LEU A 154 0.32 1.66 -12.38
CA LEU A 154 0.15 3.11 -12.49
C LEU A 154 0.09 3.77 -11.13
N SER A 155 0.20 3.05 -10.07
CA SER A 155 0.15 3.64 -8.73
C SER A 155 -1.09 4.50 -8.69
N ASN A 156 -0.97 5.68 -8.09
CA ASN A 156 -2.08 6.62 -7.99
C ASN A 156 -1.88 7.77 -8.94
N ILE A 157 -1.21 7.51 -10.06
CA ILE A 157 -0.97 8.58 -11.00
C ILE A 157 -2.23 9.23 -11.60
N MET A 158 -3.16 8.43 -12.06
CA MET A 158 -4.34 9.00 -12.69
C MET A 158 -5.31 9.73 -11.74
N THR A 159 -5.25 9.41 -10.45
CA THR A 159 -6.15 10.00 -9.47
C THR A 159 -5.54 11.17 -8.68
N ASP A 160 -4.36 10.89 -8.15
CA ASP A 160 -3.56 11.71 -7.25
C ASP A 160 -2.39 12.47 -7.87
N GLY A 161 -1.75 11.82 -8.83
CA GLY A 161 -0.56 12.33 -9.47
C GLY A 161 0.57 11.65 -8.71
N ASN A 162 0.25 10.94 -7.63
CA ASN A 162 1.25 10.24 -6.81
C ASN A 162 1.72 8.90 -7.38
N PHE A 163 2.88 8.91 -8.04
CA PHE A 163 3.40 7.69 -8.63
C PHE A 163 4.22 6.83 -7.65
N LEU A 164 4.21 7.18 -6.36
CA LEU A 164 4.96 6.38 -5.40
C LEU A 164 4.05 5.68 -4.38
N LYS A 165 2.77 5.52 -4.73
CA LYS A 165 1.85 4.83 -3.85
C LYS A 165 2.09 3.35 -4.00
N THR A 166 2.26 2.65 -2.89
CA THR A 166 2.43 1.21 -3.02
C THR A 166 1.64 0.53 -1.90
N SER A 167 1.30 -0.74 -2.12
CA SER A 167 0.49 -1.48 -1.17
C SER A 167 0.89 -2.97 -1.12
N CYS A 168 0.32 -3.69 -0.15
CA CYS A 168 0.59 -5.12 0.02
C CYS A 168 0.53 -5.94 -1.25
N GLY A 169 1.52 -6.83 -1.38
CA GLY A 169 1.64 -7.70 -2.54
C GLY A 169 2.68 -7.25 -3.54
N SER A 170 3.20 -6.04 -3.36
CA SER A 170 4.20 -5.45 -4.25
C SER A 170 5.59 -5.40 -3.65
N PRO A 171 6.63 -5.62 -4.48
CA PRO A 171 8.01 -5.59 -3.99
C PRO A 171 8.44 -4.21 -3.46
N ASN A 172 7.82 -3.15 -3.98
CA ASN A 172 8.17 -1.80 -3.55
C ASN A 172 7.59 -1.54 -2.18
N TYR A 173 6.65 -2.39 -1.79
CA TYR A 173 5.96 -2.26 -0.52
C TYR A 173 6.64 -3.03 0.60
N ALA A 174 7.05 -4.26 0.28
CA ALA A 174 7.66 -5.08 1.30
C ALA A 174 8.52 -6.19 0.70
N ALA A 175 9.32 -6.82 1.56
CA ALA A 175 10.22 -7.89 1.13
C ALA A 175 9.47 -9.12 0.58
N PRO A 176 10.04 -9.77 -0.43
CA PRO A 176 9.46 -10.96 -1.07
C PRO A 176 8.99 -12.05 -0.12
N GLU A 177 9.74 -12.30 0.94
CA GLU A 177 9.38 -13.37 1.86
C GLU A 177 8.15 -13.08 2.70
N VAL A 178 7.84 -11.81 2.88
CA VAL A 178 6.67 -11.44 3.67
C VAL A 178 5.44 -12.14 3.10
N ILE A 179 5.37 -12.18 1.77
CA ILE A 179 4.24 -12.81 1.13
C ILE A 179 4.50 -14.28 0.81
N ASN A 180 4.25 -15.14 1.81
CA ASN A 180 4.43 -16.59 1.66
C ASN A 180 3.38 -17.04 0.68
N GLY A 181 3.43 -16.45 -0.50
CA GLY A 181 2.45 -16.78 -1.48
C GLY A 181 2.79 -16.67 -2.95
N LYS A 182 2.98 -17.83 -3.57
CA LYS A 182 3.17 -17.90 -5.00
C LYS A 182 1.70 -18.18 -5.28
N LEU A 183 0.97 -18.50 -4.21
CA LEU A 183 -0.46 -18.77 -4.27
C LEU A 183 -1.23 -17.44 -4.22
N TYR A 184 -0.50 -16.34 -4.41
CA TYR A 184 -1.10 -15.01 -4.42
C TYR A 184 -1.83 -14.93 -5.75
N ALA A 185 -1.72 -16.00 -6.53
CA ALA A 185 -2.40 -16.07 -7.82
C ALA A 185 -3.57 -17.04 -7.74
N GLY A 186 -4.10 -17.19 -6.53
CA GLY A 186 -5.23 -18.06 -6.32
C GLY A 186 -6.51 -17.30 -6.56
N PRO A 187 -7.48 -17.91 -7.23
CA PRO A 187 -8.78 -17.31 -7.54
C PRO A 187 -9.51 -16.96 -6.25
N GLU A 188 -9.20 -17.69 -5.18
CA GLU A 188 -9.84 -17.46 -3.93
C GLU A 188 -9.26 -16.29 -3.15
N VAL A 189 -8.22 -15.68 -3.70
CA VAL A 189 -7.64 -14.51 -3.04
C VAL A 189 -8.46 -13.33 -3.55
N ASP A 190 -8.93 -13.45 -4.79
CA ASP A 190 -9.72 -12.40 -5.34
C ASP A 190 -11.09 -12.33 -4.72
N VAL A 191 -11.55 -13.46 -4.22
CA VAL A 191 -12.87 -13.46 -3.58
C VAL A 191 -12.72 -12.82 -2.21
N TRP A 192 -11.60 -13.08 -1.54
CA TRP A 192 -11.38 -12.48 -0.23
C TRP A 192 -11.35 -10.96 -0.34
N SER A 193 -10.54 -10.46 -1.26
CA SER A 193 -10.41 -9.02 -1.46
C SER A 193 -11.75 -8.41 -1.82
N CYS A 194 -12.49 -9.10 -2.69
CA CYS A 194 -13.78 -8.60 -3.12
C CYS A 194 -14.75 -8.56 -1.97
N GLY A 195 -14.61 -9.48 -1.03
CA GLY A 195 -15.50 -9.48 0.10
C GLY A 195 -15.21 -8.25 0.92
N ILE A 196 -13.93 -7.93 1.05
CA ILE A 196 -13.50 -6.77 1.85
C ILE A 196 -14.11 -5.48 1.27
N VAL A 197 -13.90 -5.27 -0.03
CA VAL A 197 -14.43 -4.09 -0.68
C VAL A 197 -15.94 -3.94 -0.48
N LEU A 198 -16.67 -5.04 -0.59
CA LEU A 198 -18.14 -5.02 -0.42
C LEU A 198 -18.53 -4.51 0.96
N TYR A 199 -17.88 -5.05 1.98
CA TYR A 199 -18.13 -4.63 3.34
C TYR A 199 -17.84 -3.13 3.48
N VAL A 200 -16.70 -2.72 2.93
CA VAL A 200 -16.28 -1.33 3.05
C VAL A 200 -17.26 -0.35 2.40
N MET A 201 -17.75 -0.75 1.23
CA MET A 201 -18.70 0.06 0.49
C MET A 201 -20.02 0.14 1.22
N LEU A 202 -20.43 -0.99 1.79
CA LEU A 202 -21.73 -1.05 2.47
C LEU A 202 -21.75 -0.51 3.90
N VAL A 203 -20.64 -0.66 4.62
CA VAL A 203 -20.50 -0.24 6.00
C VAL A 203 -19.75 1.09 6.19
N GLY A 204 -18.80 1.39 5.32
CA GLY A 204 -18.04 2.62 5.46
C GLY A 204 -16.71 2.46 6.18
N ARG A 205 -16.60 1.47 7.06
CA ARG A 205 -15.38 1.23 7.82
C ARG A 205 -14.83 -0.13 7.42
N LEU A 206 -13.74 -0.57 8.02
CA LEU A 206 -13.20 -1.89 7.67
C LEU A 206 -13.65 -2.92 8.69
N PRO A 207 -13.50 -4.21 8.37
CA PRO A 207 -13.89 -5.31 9.25
C PRO A 207 -12.79 -5.61 10.28
N PHE A 208 -13.00 -6.68 11.06
CA PHE A 208 -12.03 -7.12 12.04
C PHE A 208 -11.65 -6.06 13.07
N ASP A 209 -12.47 -5.01 13.12
CA ASP A 209 -12.25 -3.89 14.02
C ASP A 209 -12.70 -4.18 15.45
N ASP A 210 -11.91 -3.72 16.42
CA ASP A 210 -12.33 -3.90 17.82
C ASP A 210 -13.68 -3.23 17.87
N GLU A 211 -14.68 -3.92 18.42
CA GLU A 211 -16.05 -3.42 18.47
C GLU A 211 -16.34 -2.14 19.24
N PHE A 212 -15.39 -1.64 20.00
CA PHE A 212 -15.62 -0.40 20.75
C PHE A 212 -14.68 0.68 20.29
N ILE A 213 -13.39 0.41 20.33
CA ILE A 213 -12.40 1.36 19.89
C ILE A 213 -12.49 1.51 18.38
N PRO A 214 -12.62 2.76 17.91
CA PRO A 214 -12.74 3.14 16.49
C PRO A 214 -11.44 2.72 15.84
N ASN A 215 -11.52 2.37 14.56
CA ASN A 215 -10.37 1.92 13.79
C ASN A 215 -9.25 1.20 14.55
N LEU A 216 -9.58 0.10 15.21
CA LEU A 216 -8.57 -0.70 15.89
C LEU A 216 -8.69 -2.09 15.31
N PHE A 217 -7.67 -2.54 14.58
CA PHE A 217 -7.74 -3.87 14.04
C PHE A 217 -7.65 -4.85 15.22
N LYS A 218 -8.53 -5.85 15.26
CA LYS A 218 -8.52 -6.84 16.35
C LYS A 218 -7.89 -8.13 15.80
N LYS A 219 -8.72 -9.04 15.31
CA LYS A 219 -8.24 -10.31 14.72
C LYS A 219 -9.12 -10.75 13.58
N VAL A 220 -8.64 -11.68 12.78
CA VAL A 220 -9.42 -12.21 11.68
C VAL A 220 -9.82 -13.60 12.11
N ASN A 221 -11.06 -13.75 12.54
CA ASN A 221 -11.56 -15.03 12.98
C ASN A 221 -11.84 -15.93 11.78
N SER A 222 -12.15 -17.19 12.01
CA SER A 222 -12.42 -18.09 10.89
C SER A 222 -13.50 -17.48 10.00
N CYS A 223 -14.50 -16.85 10.61
CA CYS A 223 -15.57 -16.17 9.86
C CYS A 223 -16.10 -14.95 10.63
N VAL A 224 -16.92 -14.14 9.95
CA VAL A 224 -17.46 -12.93 10.55
C VAL A 224 -18.92 -13.12 10.97
N TYR A 225 -19.11 -13.23 12.28
CA TYR A 225 -20.47 -13.42 12.80
C TYR A 225 -21.30 -12.12 12.81
N VAL A 226 -21.00 -11.19 13.71
CA VAL A 226 -21.79 -9.96 13.77
C VAL A 226 -21.38 -8.84 12.82
N MET A 227 -22.40 -8.19 12.26
CA MET A 227 -22.23 -7.10 11.30
C MET A 227 -23.36 -6.11 11.58
N PRO A 228 -23.25 -4.88 11.07
CA PRO A 228 -24.35 -3.96 11.36
C PRO A 228 -25.72 -4.48 10.89
N ASP A 229 -26.73 -4.30 11.74
CA ASP A 229 -28.08 -4.71 11.43
C ASP A 229 -28.64 -3.96 10.22
N PHE A 230 -28.02 -2.86 9.83
CA PHE A 230 -28.56 -2.15 8.67
C PHE A 230 -28.16 -2.86 7.39
N LEU A 231 -27.35 -3.90 7.52
CA LEU A 231 -26.95 -4.69 6.35
C LEU A 231 -28.02 -5.75 6.19
N SER A 232 -28.53 -5.91 4.97
CA SER A 232 -29.57 -6.90 4.68
C SER A 232 -29.05 -8.31 4.90
N PRO A 233 -29.95 -9.31 5.02
CA PRO A 233 -29.51 -10.71 5.25
C PRO A 233 -28.77 -11.23 4.01
N GLY A 234 -29.17 -10.74 2.85
CA GLY A 234 -28.54 -11.17 1.62
C GLY A 234 -27.12 -10.67 1.59
N ALA A 235 -26.92 -9.43 2.02
CA ALA A 235 -25.59 -8.84 2.03
C ALA A 235 -24.69 -9.48 3.08
N GLN A 236 -25.22 -9.76 4.26
CA GLN A 236 -24.41 -10.40 5.30
C GLN A 236 -24.00 -11.79 4.85
N SER A 237 -24.98 -12.59 4.43
CA SER A 237 -24.71 -13.96 3.99
C SER A 237 -23.58 -14.02 2.96
N LEU A 238 -23.64 -13.12 1.97
CA LEU A 238 -22.61 -13.10 0.95
C LEU A 238 -21.23 -12.73 1.51
N ILE A 239 -21.16 -11.67 2.33
CA ILE A 239 -19.90 -11.23 2.91
C ILE A 239 -19.34 -12.32 3.82
N ARG A 240 -20.20 -12.91 4.63
CA ARG A 240 -19.82 -13.98 5.54
C ARG A 240 -19.20 -15.14 4.78
N ARG A 241 -19.61 -15.31 3.53
CA ARG A 241 -19.10 -16.41 2.71
C ARG A 241 -17.85 -16.04 1.93
N MET A 242 -17.45 -14.77 1.98
CA MET A 242 -16.27 -14.35 1.26
C MET A 242 -15.10 -14.11 2.18
N ILE A 243 -15.33 -13.50 3.33
CA ILE A 243 -14.27 -13.22 4.29
C ILE A 243 -14.05 -14.42 5.20
N VAL A 244 -13.75 -15.56 4.60
CA VAL A 244 -13.49 -16.79 5.34
C VAL A 244 -12.00 -17.03 5.27
N ALA A 245 -11.39 -17.23 6.44
CA ALA A 245 -9.94 -17.42 6.56
C ALA A 245 -9.38 -18.53 5.68
N ASP A 246 -9.91 -19.73 5.82
CA ASP A 246 -9.45 -20.87 5.05
C ASP A 246 -9.90 -20.71 3.62
N PRO A 247 -8.95 -20.50 2.70
CA PRO A 247 -9.19 -20.32 1.27
C PRO A 247 -10.19 -21.32 0.74
N MET A 248 -10.07 -22.56 1.23
CA MET A 248 -10.90 -23.66 0.80
C MET A 248 -12.36 -23.64 1.24
N GLN A 249 -12.67 -22.92 2.32
CA GLN A 249 -14.03 -22.81 2.80
C GLN A 249 -14.63 -21.49 2.31
N ARG A 250 -13.95 -20.87 1.35
CA ARG A 250 -14.39 -19.59 0.81
C ARG A 250 -15.26 -19.81 -0.42
N ILE A 251 -16.27 -18.95 -0.61
CA ILE A 251 -17.15 -19.09 -1.79
C ILE A 251 -16.34 -18.78 -3.09
N THR A 252 -16.77 -19.35 -4.21
CA THR A 252 -16.11 -19.15 -5.50
C THR A 252 -16.92 -18.15 -6.31
N ILE A 253 -16.34 -17.52 -7.34
CA ILE A 253 -17.16 -16.59 -8.09
C ILE A 253 -18.27 -17.30 -8.86
N GLN A 254 -18.16 -18.60 -9.10
CA GLN A 254 -19.23 -19.30 -9.82
C GLN A 254 -20.52 -19.22 -9.01
N GLU A 255 -20.40 -19.46 -7.71
CA GLU A 255 -21.51 -19.44 -6.77
C GLU A 255 -21.98 -18.02 -6.53
N ILE A 256 -21.04 -17.08 -6.37
CA ILE A 256 -21.45 -15.70 -6.15
C ILE A 256 -22.42 -15.31 -7.27
N ARG A 257 -22.11 -15.75 -8.49
CA ARG A 257 -22.94 -15.41 -9.64
C ARG A 257 -24.30 -16.09 -9.76
N ARG A 258 -24.59 -17.06 -8.87
CA ARG A 258 -25.90 -17.73 -8.87
C ARG A 258 -26.70 -17.18 -7.71
N ASP A 259 -26.03 -16.43 -6.85
CA ASP A 259 -26.65 -15.84 -5.68
C ASP A 259 -27.81 -14.89 -5.98
N PRO A 260 -28.94 -15.08 -5.31
CA PRO A 260 -30.11 -14.23 -5.51
C PRO A 260 -29.83 -12.76 -5.24
N TRP A 261 -29.32 -12.48 -4.04
CA TRP A 261 -29.00 -11.10 -3.69
C TRP A 261 -28.16 -10.48 -4.80
N PHE A 262 -27.00 -11.07 -5.04
CA PHE A 262 -26.10 -10.60 -6.08
C PHE A 262 -26.77 -10.31 -7.44
N ASN A 263 -27.75 -11.11 -7.82
CA ASN A 263 -28.40 -10.91 -9.10
C ASN A 263 -29.42 -9.78 -9.23
N VAL A 264 -29.90 -9.27 -8.10
CA VAL A 264 -30.90 -8.21 -8.14
C VAL A 264 -30.42 -7.01 -8.95
N ASN A 265 -31.21 -6.57 -9.92
CA ASN A 265 -30.86 -5.44 -10.75
C ASN A 265 -29.64 -5.64 -11.64
N LEU A 266 -29.20 -6.87 -11.81
CA LEU A 266 -28.05 -7.10 -12.66
C LEU A 266 -28.34 -6.56 -14.07
N PRO A 267 -27.49 -5.63 -14.57
CA PRO A 267 -27.72 -5.07 -15.92
C PRO A 267 -27.59 -6.23 -16.92
N ASP A 268 -28.35 -6.18 -18.01
CA ASP A 268 -28.29 -7.27 -18.98
C ASP A 268 -26.89 -7.57 -19.54
N TYR A 269 -26.13 -6.54 -19.91
CA TYR A 269 -24.77 -6.75 -20.46
C TYR A 269 -23.86 -7.47 -19.47
N LEU A 270 -24.33 -7.62 -18.23
CA LEU A 270 -23.59 -8.32 -17.18
C LEU A 270 -24.16 -9.70 -16.85
N ARG A 271 -25.31 -10.05 -17.42
CA ARG A 271 -25.92 -11.35 -17.16
C ARG A 271 -24.96 -12.48 -17.46
N PRO A 272 -25.11 -13.61 -16.75
CA PRO A 272 -24.26 -14.78 -16.94
C PRO A 272 -24.39 -15.28 -18.38
N MET A 273 -23.30 -15.80 -18.93
CA MET A 273 -23.34 -16.34 -20.28
C MET A 273 -22.81 -17.77 -20.22
N GLU A 274 -23.64 -18.75 -20.57
CA GLU A 274 -23.21 -20.15 -20.56
C GLU A 274 -23.09 -20.51 -22.03
N GLU A 275 -22.06 -19.95 -22.64
CA GLU A 275 -21.82 -20.09 -24.06
C GLU A 275 -21.87 -21.41 -24.86
N VAL A 276 -22.32 -21.23 -26.12
CA VAL A 276 -22.27 -22.27 -27.20
C VAL A 276 -20.83 -22.29 -27.26
N GLN A 277 -20.42 -22.33 -28.49
CA GLN A 277 -19.03 -22.27 -28.87
C GLN A 277 -18.88 -22.37 -30.39
N GLY A 278 -19.07 -23.57 -30.89
CA GLY A 278 -19.00 -23.88 -32.30
C GLY A 278 -18.26 -22.99 -33.29
N SER A 279 -18.81 -22.91 -34.50
CA SER A 279 -18.24 -22.19 -35.63
C SER A 279 -17.28 -21.03 -35.39
N TYR A 280 -15.99 -21.34 -35.53
CA TYR A 280 -14.92 -20.36 -35.41
C TYR A 280 -14.79 -19.89 -36.84
N ALA A 281 -15.92 -19.70 -37.50
CA ALA A 281 -15.91 -19.31 -38.90
C ALA A 281 -16.37 -17.89 -39.25
N ASP A 282 -16.08 -16.92 -38.39
CA ASP A 282 -16.47 -15.54 -38.64
C ASP A 282 -15.27 -14.73 -39.12
N SER A 283 -15.29 -14.31 -40.38
CA SER A 283 -14.17 -13.54 -40.94
C SER A 283 -14.09 -12.12 -40.41
N ARG A 284 -15.16 -11.65 -39.77
CA ARG A 284 -15.19 -10.31 -39.20
C ARG A 284 -14.19 -10.28 -38.06
N ILE A 285 -14.15 -11.35 -37.26
CA ILE A 285 -13.21 -11.39 -36.16
C ILE A 285 -11.89 -12.06 -36.57
N VAL A 286 -11.93 -12.86 -37.63
CA VAL A 286 -10.71 -13.49 -38.12
C VAL A 286 -9.76 -12.36 -38.53
N SER A 287 -10.26 -11.43 -39.33
CA SER A 287 -9.42 -10.30 -39.76
C SER A 287 -8.86 -9.59 -38.54
N LYS A 288 -9.71 -9.33 -37.55
CA LYS A 288 -9.28 -8.65 -36.34
C LYS A 288 -8.22 -9.42 -35.55
N LEU A 289 -8.36 -10.73 -35.45
CA LEU A 289 -7.40 -11.56 -34.72
C LEU A 289 -5.97 -11.34 -35.23
N GLY A 290 -5.86 -10.74 -36.42
CA GLY A 290 -4.55 -10.45 -36.96
C GLY A 290 -4.10 -9.12 -36.38
N GLU A 291 -4.67 -8.03 -36.89
CA GLU A 291 -4.37 -6.67 -36.46
C GLU A 291 -3.70 -6.53 -35.08
N ALA A 292 -4.27 -7.17 -34.08
CA ALA A 292 -3.74 -7.07 -32.72
C ALA A 292 -2.83 -8.21 -32.27
N MET A 293 -3.35 -9.44 -32.31
CA MET A 293 -2.56 -10.58 -31.88
C MET A 293 -1.30 -10.70 -32.72
N GLY A 294 -1.30 -10.01 -33.86
CA GLY A 294 -0.19 -10.03 -34.78
C GLY A 294 -0.43 -11.09 -35.83
N PHE A 295 0.32 -12.20 -35.73
CA PHE A 295 0.15 -13.43 -36.50
C PHE A 295 -0.40 -13.28 -37.93
N SER A 296 -0.72 -14.42 -38.55
CA SER A 296 -1.16 -14.42 -39.94
C SER A 296 -2.52 -15.07 -40.23
N GLU A 297 -3.18 -14.59 -41.28
CA GLU A 297 -4.51 -15.09 -41.67
C GLU A 297 -4.64 -16.61 -41.78
N ASP A 298 -4.02 -17.19 -42.80
CA ASP A 298 -4.04 -18.64 -43.04
C ASP A 298 -3.63 -19.40 -41.79
N TYR A 299 -2.61 -18.90 -41.11
CA TYR A 299 -2.14 -19.53 -39.88
C TYR A 299 -3.35 -19.56 -38.94
N ILE A 300 -4.04 -18.42 -38.86
CA ILE A 300 -5.25 -18.27 -38.05
C ILE A 300 -6.35 -19.16 -38.62
N VAL A 301 -6.58 -19.04 -39.93
CA VAL A 301 -7.59 -19.86 -40.59
C VAL A 301 -7.31 -21.34 -40.35
N GLU A 302 -6.02 -21.71 -40.35
CA GLU A 302 -5.62 -23.09 -40.10
C GLU A 302 -5.94 -23.48 -38.67
N ALA A 303 -5.32 -22.76 -37.74
CA ALA A 303 -5.54 -22.95 -36.33
C ALA A 303 -6.98 -23.18 -35.98
N LEU A 304 -7.90 -22.75 -36.83
CA LEU A 304 -9.28 -22.74 -36.43
C LEU A 304 -10.06 -23.90 -37.04
N ARG A 305 -9.43 -24.63 -37.95
CA ARG A 305 -9.82 -26.00 -38.24
C ARG A 305 -9.41 -27.11 -37.28
N SER A 306 -8.26 -27.00 -36.64
CA SER A 306 -7.80 -28.02 -35.70
C SER A 306 -8.91 -28.62 -34.85
N ASP A 307 -8.63 -29.80 -34.27
CA ASP A 307 -9.64 -30.39 -33.42
C ASP A 307 -9.42 -30.13 -31.95
N GLU A 308 -8.90 -28.92 -31.76
CA GLU A 308 -8.77 -28.26 -30.48
C GLU A 308 -7.68 -27.33 -29.99
N ASN A 309 -8.21 -26.59 -29.02
CA ASN A 309 -7.62 -25.44 -28.37
C ASN A 309 -6.14 -25.05 -28.39
N ASN A 310 -5.86 -24.17 -29.35
CA ASN A 310 -4.55 -23.57 -29.49
C ASN A 310 -4.77 -22.33 -28.68
N GLU A 311 -3.84 -21.39 -28.79
CA GLU A 311 -4.00 -20.13 -28.08
C GLU A 311 -4.96 -19.36 -28.95
N VAL A 312 -5.15 -19.85 -30.17
CA VAL A 312 -6.02 -19.16 -31.12
C VAL A 312 -7.51 -19.54 -31.18
N LYS A 313 -7.89 -20.71 -30.68
CA LYS A 313 -9.32 -21.05 -30.70
C LYS A 313 -9.94 -20.58 -29.41
N GLU A 314 -9.37 -19.50 -28.87
CA GLU A 314 -9.82 -18.94 -27.62
C GLU A 314 -9.58 -17.42 -27.58
N ALA A 315 -8.76 -16.93 -28.50
CA ALA A 315 -8.53 -15.50 -28.64
C ALA A 315 -9.62 -15.17 -29.62
N TYR A 316 -10.16 -16.22 -30.25
CA TYR A 316 -11.26 -16.02 -31.17
C TYR A 316 -12.43 -15.84 -30.24
N ASN A 317 -12.63 -16.83 -29.37
CA ASN A 317 -13.74 -16.77 -28.43
C ASN A 317 -13.71 -15.57 -27.47
N LEU A 318 -12.53 -15.02 -27.25
CA LEU A 318 -12.37 -13.85 -26.39
C LEU A 318 -12.91 -12.64 -27.17
N LEU A 319 -12.48 -12.50 -28.42
CA LEU A 319 -12.95 -11.38 -29.24
C LEU A 319 -14.44 -11.50 -29.50
N HIS A 320 -14.97 -12.70 -29.37
CA HIS A 320 -16.39 -12.91 -29.61
C HIS A 320 -17.18 -12.49 -28.37
N GLU A 321 -16.64 -12.83 -27.19
CA GLU A 321 -17.28 -12.48 -25.92
C GLU A 321 -17.30 -10.95 -25.78
N ASN A 322 -16.18 -10.31 -26.13
CA ASN A 322 -16.11 -8.86 -26.07
C ASN A 322 -17.21 -8.25 -26.94
N GLN A 323 -17.40 -8.83 -28.12
CA GLN A 323 -18.40 -8.32 -29.05
C GLN A 323 -19.81 -8.39 -28.46
N VAL A 324 -20.20 -9.58 -28.02
CA VAL A 324 -21.53 -9.77 -27.45
C VAL A 324 -21.83 -8.84 -26.29
N ILE A 325 -20.85 -8.53 -25.45
CA ILE A 325 -21.17 -7.65 -24.35
C ILE A 325 -21.06 -6.17 -24.70
N GLN A 326 -20.60 -5.88 -25.92
CA GLN A 326 -20.52 -4.50 -26.36
C GLN A 326 -21.85 -4.24 -27.02
N GLU A 327 -22.44 -5.29 -27.57
CA GLU A 327 -23.73 -5.15 -28.23
C GLU A 327 -24.80 -4.99 -27.15
N LYS A 328 -24.71 -5.80 -26.10
CA LYS A 328 -25.68 -5.71 -25.02
C LYS A 328 -25.60 -4.38 -24.27
N LEU A 329 -24.46 -3.70 -24.39
CA LEU A 329 -24.27 -2.40 -23.74
C LEU A 329 -24.94 -1.27 -24.49
N GLU A 330 -24.63 -1.17 -25.77
CA GLU A 330 -25.17 -0.09 -26.57
C GLU A 330 -26.54 -0.30 -27.22
N HIS A 331 -26.81 -1.49 -27.77
CA HIS A 331 -28.12 -1.71 -28.37
C HIS A 331 -29.05 -1.98 -27.21
N HIS A 332 -28.97 -1.10 -26.22
CA HIS A 332 -29.78 -1.17 -25.02
C HIS A 332 -29.79 0.11 -24.19
N HIS A 333 -30.94 0.77 -24.18
CA HIS A 333 -31.16 1.90 -23.31
C HIS A 333 -29.92 2.77 -22.98
N LYS B 5 -13.88 20.69 24.53
CA LYS B 5 -13.61 22.15 24.74
C LYS B 5 -12.52 22.63 23.78
N ARG B 6 -12.14 23.91 23.91
CA ARG B 6 -11.15 24.53 23.03
C ARG B 6 -9.67 24.47 23.40
N HIS B 7 -9.32 23.71 24.45
CA HIS B 7 -7.92 23.58 24.84
C HIS B 7 -7.74 22.50 25.89
N ILE B 8 -6.56 21.91 25.92
CA ILE B 8 -6.24 20.90 26.93
C ILE B 8 -4.77 21.04 27.28
N GLY B 9 -4.54 21.38 28.55
CA GLY B 9 -3.19 21.59 29.01
C GLY B 9 -2.65 22.79 28.25
N PRO B 10 -1.33 22.84 28.02
CA PRO B 10 -0.62 23.91 27.32
C PRO B 10 -1.13 24.14 25.92
N TYR B 11 -1.79 23.13 25.39
CA TYR B 11 -2.23 23.16 24.02
C TYR B 11 -3.61 23.65 23.60
N ILE B 12 -3.60 24.58 22.65
CA ILE B 12 -4.83 25.12 22.08
C ILE B 12 -4.97 24.45 20.72
N ILE B 13 -6.19 24.01 20.44
CA ILE B 13 -6.48 23.32 19.18
C ILE B 13 -6.47 24.30 18.01
N ARG B 14 -5.83 23.91 16.92
CA ARG B 14 -5.73 24.78 15.75
C ARG B 14 -6.21 24.09 14.46
N GLU B 15 -6.95 22.99 14.59
CA GLU B 15 -7.49 22.24 13.45
C GLU B 15 -7.95 20.84 13.83
N THR B 16 -9.07 20.41 13.27
CA THR B 16 -9.54 19.04 13.53
C THR B 16 -9.13 18.27 12.29
N LEU B 17 -8.25 17.30 12.48
CA LEU B 17 -7.75 16.52 11.36
C LEU B 17 -8.67 15.41 10.85
N GLY B 18 -9.41 14.79 11.77
CA GLY B 18 -10.34 13.73 11.39
C GLY B 18 -10.31 12.61 12.40
N GLU B 19 -10.75 11.42 12.00
CA GLU B 19 -10.72 10.27 12.91
C GLU B 19 -9.67 9.28 12.40
N GLY B 20 -8.83 8.81 13.32
CA GLY B 20 -7.78 7.87 12.97
C GLY B 20 -7.74 6.71 13.94
N SER B 21 -6.65 5.95 13.94
CA SER B 21 -6.48 4.78 14.81
C SER B 21 -7.45 4.62 16.00
N PHE B 22 -7.28 5.41 17.06
CA PHE B 22 -8.14 5.26 18.24
C PHE B 22 -9.16 6.34 18.53
N GLY B 23 -9.44 7.20 17.57
CA GLY B 23 -10.41 8.24 17.83
C GLY B 23 -10.01 9.55 17.20
N LYS B 24 -10.63 10.64 17.63
CA LYS B 24 -10.35 11.96 17.08
C LYS B 24 -8.90 12.44 17.17
N VAL B 25 -8.36 12.90 16.04
CA VAL B 25 -7.01 13.42 15.97
C VAL B 25 -7.09 14.90 15.62
N LYS B 26 -6.47 15.71 16.47
CA LYS B 26 -6.52 17.15 16.31
C LYS B 26 -5.18 17.88 16.17
N LEU B 27 -5.16 18.95 15.38
CA LEU B 27 -3.96 19.74 15.23
C LEU B 27 -4.04 20.78 16.32
N ALA B 28 -2.92 20.97 17.03
CA ALA B 28 -2.91 21.92 18.14
C ALA B 28 -1.53 22.51 18.38
N THR B 29 -1.46 23.51 19.26
CA THR B 29 -0.17 24.15 19.55
C THR B 29 -0.05 24.76 20.97
N HIS B 30 1.14 24.62 21.55
CA HIS B 30 1.43 25.13 22.89
C HIS B 30 1.17 26.64 22.92
N TYR B 31 0.82 27.18 24.10
CA TYR B 31 0.54 28.61 24.21
C TYR B 31 1.78 29.45 24.50
N LYS B 32 2.79 28.86 25.14
CA LYS B 32 4.03 29.55 25.44
C LYS B 32 5.07 29.29 24.37
N THR B 33 5.25 28.03 23.99
CA THR B 33 6.24 27.70 22.98
C THR B 33 5.74 27.65 21.53
N GLN B 34 4.43 27.77 21.34
CA GLN B 34 3.83 27.75 20.00
C GLN B 34 4.47 26.69 19.11
N GLN B 35 4.50 25.47 19.63
CA GLN B 35 5.09 24.32 18.96
C GLN B 35 4.00 23.46 18.30
N LYS B 36 4.29 22.93 17.11
CA LYS B 36 3.33 22.10 16.39
C LYS B 36 3.19 20.71 17.04
N VAL B 37 1.97 20.35 17.40
CA VAL B 37 1.73 19.08 18.03
C VAL B 37 0.38 18.47 17.61
N ALA B 38 0.30 17.14 17.64
CA ALA B 38 -0.93 16.45 17.29
C ALA B 38 -1.50 15.83 18.56
N LEU B 39 -2.81 15.94 18.71
CA LEU B 39 -3.51 15.37 19.87
C LEU B 39 -4.45 14.27 19.40
N LYS B 40 -4.34 13.10 20.03
CA LYS B 40 -5.19 11.97 19.71
C LYS B 40 -6.10 11.67 20.89
N PHE B 41 -7.41 11.70 20.67
CA PHE B 41 -8.37 11.47 21.75
C PHE B 41 -8.97 10.07 21.88
N ILE B 42 -8.43 9.27 22.80
CA ILE B 42 -8.93 7.93 23.03
C ILE B 42 -10.00 8.04 24.11
N SER B 43 -11.25 7.71 23.77
CA SER B 43 -12.37 7.79 24.71
C SER B 43 -12.27 6.78 25.85
N ARG B 44 -12.43 7.26 27.09
CA ARG B 44 -12.33 6.40 28.26
C ARG B 44 -13.41 5.34 28.39
N GLN B 45 -14.65 5.72 28.11
CA GLN B 45 -15.76 4.78 28.19
C GLN B 45 -15.43 3.57 27.34
N LEU B 46 -15.34 3.81 26.04
CA LEU B 46 -15.03 2.79 25.06
C LEU B 46 -13.83 1.97 25.50
N LEU B 47 -12.73 2.66 25.80
CA LEU B 47 -11.52 1.95 26.25
C LEU B 47 -11.82 1.05 27.40
N LYS B 48 -12.65 1.53 28.29
CA LYS B 48 -12.96 0.76 29.51
C LYS B 48 -13.82 -0.45 29.17
N LYS B 49 -14.73 -0.35 28.25
CA LYS B 49 -15.59 -1.48 27.92
C LYS B 49 -14.89 -2.52 27.07
N SER B 50 -13.78 -2.12 26.44
CA SER B 50 -13.08 -3.04 25.58
C SER B 50 -12.15 -3.97 26.35
N ASP B 51 -11.50 -3.41 27.36
CA ASP B 51 -10.53 -4.13 28.18
C ASP B 51 -9.63 -5.06 27.38
N MET B 52 -9.50 -4.71 26.10
CA MET B 52 -8.53 -5.35 25.24
C MET B 52 -7.74 -4.05 25.19
N HIS B 53 -7.61 -3.45 26.37
CA HIS B 53 -6.83 -2.24 26.59
C HIS B 53 -5.81 -2.68 27.64
N MET B 54 -5.79 -4.01 27.86
CA MET B 54 -4.76 -4.61 28.70
C MET B 54 -3.40 -4.61 28.02
N ARG B 55 -3.52 -4.00 26.75
CA ARG B 55 -2.36 -3.82 25.88
C ARG B 55 -2.26 -2.32 25.65
N VAL B 56 -3.41 -1.67 25.56
CA VAL B 56 -3.49 -0.22 25.37
C VAL B 56 -2.95 0.52 26.60
N GLU B 57 -3.41 0.08 27.77
CA GLU B 57 -3.00 0.69 29.02
C GLU B 57 -1.49 0.72 29.20
N ARG B 58 -0.80 -0.31 28.69
CA ARG B 58 0.64 -0.38 28.84
C ARG B 58 1.45 -0.01 27.61
N GLU B 59 0.86 -0.13 26.43
CA GLU B 59 1.60 0.19 25.22
C GLU B 59 1.86 1.69 25.13
N ILE B 60 1.23 2.45 26.02
CA ILE B 60 1.46 3.89 26.05
C ILE B 60 2.72 4.18 26.84
N SER B 61 3.01 3.33 27.83
CA SER B 61 4.22 3.52 28.64
C SER B 61 5.45 2.99 27.89
N TYR B 62 5.25 1.99 27.04
CA TYR B 62 6.36 1.47 26.26
C TYR B 62 6.61 2.51 25.18
N LEU B 63 5.91 3.65 25.30
CA LEU B 63 6.04 4.74 24.33
C LEU B 63 6.62 5.97 25.00
N LYS B 64 6.08 6.31 26.17
CA LYS B 64 6.54 7.49 26.89
C LYS B 64 8.05 7.44 27.10
N LEU B 65 8.64 6.27 26.93
CA LEU B 65 10.08 6.11 27.13
C LEU B 65 10.92 6.19 25.85
N LEU B 66 10.29 6.20 24.69
CA LEU B 66 11.04 6.28 23.43
C LEU B 66 11.41 7.72 23.09
N ARG B 67 12.66 8.09 23.31
CA ARG B 67 13.12 9.44 22.98
C ARG B 67 14.19 9.29 21.92
N HIS B 68 13.90 9.77 20.71
CA HIS B 68 14.86 9.70 19.60
C HIS B 68 14.54 10.73 18.52
N PRO B 69 15.57 11.46 18.04
CA PRO B 69 15.53 12.51 17.01
C PRO B 69 14.74 12.15 15.76
N HIS B 70 14.61 10.86 15.50
CA HIS B 70 13.90 10.41 14.32
C HIS B 70 12.85 9.33 14.52
N ILE B 71 12.04 9.49 15.57
CA ILE B 71 10.93 8.60 15.87
C ILE B 71 9.91 9.53 16.45
N ILE B 72 8.68 9.39 16.03
CA ILE B 72 7.65 10.26 16.55
C ILE B 72 7.67 10.06 18.05
N LYS B 73 7.80 11.14 18.79
CA LYS B 73 7.86 11.04 20.24
C LYS B 73 6.52 11.27 20.93
N LEU B 74 6.29 10.54 22.01
CA LEU B 74 5.06 10.75 22.78
C LEU B 74 5.52 11.73 23.84
N TYR B 75 5.23 13.01 23.61
CA TYR B 75 5.61 14.05 24.56
C TYR B 75 4.91 13.90 25.90
N ASP B 76 3.61 13.68 25.85
CA ASP B 76 2.85 13.53 27.08
C ASP B 76 1.57 12.74 26.87
N VAL B 77 0.82 12.54 27.95
CA VAL B 77 -0.42 11.78 27.92
C VAL B 77 -1.40 12.34 28.96
N ILE B 78 -2.05 13.45 28.60
CA ILE B 78 -3.01 14.14 29.47
C ILE B 78 -4.39 13.49 29.54
N THR B 79 -4.87 13.25 30.75
CA THR B 79 -6.16 12.59 30.95
C THR B 79 -7.27 13.49 31.47
N THR B 80 -8.40 13.51 30.76
CA THR B 80 -9.55 14.32 31.15
C THR B 80 -10.62 13.37 31.73
N PRO B 81 -11.84 13.87 31.96
CA PRO B 81 -12.87 12.97 32.51
C PRO B 81 -13.29 11.96 31.46
N THR B 82 -13.45 12.45 30.23
CA THR B 82 -13.90 11.64 29.11
C THR B 82 -12.83 10.91 28.29
N ASP B 83 -11.80 11.63 27.85
CA ASP B 83 -10.76 11.03 27.04
C ASP B 83 -9.38 11.01 27.69
N ILE B 84 -8.45 10.33 27.03
CA ILE B 84 -7.06 10.28 27.47
C ILE B 84 -6.32 10.73 26.23
N VAL B 85 -6.09 12.05 26.16
CA VAL B 85 -5.42 12.65 25.02
C VAL B 85 -3.93 12.34 24.97
N MET B 86 -3.36 12.42 23.77
CA MET B 86 -1.96 12.11 23.63
C MET B 86 -1.15 13.17 22.88
N VAL B 87 -0.18 13.74 23.58
CA VAL B 87 0.68 14.74 22.98
C VAL B 87 1.68 13.96 22.14
N ILE B 88 1.57 14.11 20.83
CA ILE B 88 2.41 13.41 19.87
C ILE B 88 3.17 14.34 18.95
N GLU B 89 4.43 13.98 18.65
CA GLU B 89 5.26 14.79 17.79
C GLU B 89 4.50 15.01 16.48
N TYR B 90 4.99 15.88 15.61
CA TYR B 90 4.29 16.16 14.37
C TYR B 90 5.16 16.57 13.18
N ALA B 91 5.16 15.75 12.15
CA ALA B 91 5.87 16.04 10.90
C ALA B 91 4.78 15.88 9.87
N GLY B 92 4.04 16.97 9.65
CA GLY B 92 2.91 16.95 8.72
C GLY B 92 3.16 16.69 7.24
N GLY B 93 4.35 16.19 6.92
CA GLY B 93 4.66 15.90 5.53
C GLY B 93 4.98 14.43 5.45
N GLU B 94 5.24 13.94 4.25
CA GLU B 94 5.58 12.53 4.08
C GLU B 94 6.71 12.45 3.07
N LEU B 95 7.70 11.63 3.36
CA LEU B 95 8.88 11.49 2.49
C LEU B 95 8.57 11.35 1.00
N PHE B 96 7.98 10.22 0.62
CA PHE B 96 7.66 9.96 -0.78
C PHE B 96 6.91 11.09 -1.45
N ASP B 97 6.07 11.79 -0.69
CA ASP B 97 5.32 12.93 -1.22
C ASP B 97 6.31 14.01 -1.59
N TYR B 98 7.27 14.22 -0.71
CA TYR B 98 8.32 15.21 -0.89
C TYR B 98 9.08 14.89 -2.16
N ILE B 99 9.39 13.60 -2.33
CA ILE B 99 10.11 13.13 -3.51
C ILE B 99 9.29 13.33 -4.77
N VAL B 100 7.98 13.24 -4.64
CA VAL B 100 7.10 13.44 -5.79
C VAL B 100 7.11 14.91 -6.14
N GLU B 101 6.96 15.76 -5.13
CA GLU B 101 6.96 17.20 -5.32
C GLU B 101 8.27 17.79 -5.86
N LYS B 102 9.38 17.40 -5.27
CA LYS B 102 10.69 17.94 -5.65
C LYS B 102 11.45 17.10 -6.69
N LYS B 103 10.97 15.86 -6.90
CA LYS B 103 11.56 14.91 -7.85
C LYS B 103 12.85 14.26 -7.35
N ARG B 104 13.69 13.81 -8.29
CA ARG B 104 14.96 13.18 -7.98
C ARG B 104 15.88 14.16 -7.24
N MET B 105 16.44 13.70 -6.12
CA MET B 105 17.34 14.54 -5.32
C MET B 105 18.80 14.11 -5.43
N THR B 106 19.69 14.92 -4.86
CA THR B 106 21.13 14.62 -4.93
C THR B 106 21.54 13.49 -4.00
N GLU B 107 22.75 12.99 -4.23
CA GLU B 107 23.27 11.89 -3.44
C GLU B 107 23.60 12.27 -2.01
N ASP B 108 23.72 13.57 -1.77
CA ASP B 108 24.06 14.05 -0.44
C ASP B 108 22.84 14.11 0.48
N GLU B 109 21.79 14.79 0.03
CA GLU B 109 20.57 14.90 0.83
C GLU B 109 20.00 13.49 0.96
N GLY B 110 20.05 12.76 -0.15
CA GLY B 110 19.55 11.40 -0.14
C GLY B 110 20.25 10.59 0.94
N ARG B 111 21.58 10.63 0.94
CA ARG B 111 22.35 9.89 1.93
C ARG B 111 22.01 10.38 3.34
N ARG B 112 21.86 11.69 3.49
CA ARG B 112 21.53 12.20 4.81
C ARG B 112 20.28 11.52 5.33
N PHE B 113 19.17 11.73 4.61
CA PHE B 113 17.91 11.10 5.01
C PHE B 113 18.17 9.64 5.30
N PHE B 114 18.82 8.99 4.35
CA PHE B 114 19.07 7.58 4.51
C PHE B 114 19.83 7.17 5.77
N GLN B 115 20.64 8.07 6.32
CA GLN B 115 21.37 7.69 7.51
C GLN B 115 20.56 7.92 8.78
N GLN B 116 19.58 8.82 8.73
CA GLN B 116 18.75 9.06 9.90
C GLN B 116 17.79 7.88 10.00
N ILE B 117 17.37 7.41 8.84
CA ILE B 117 16.43 6.30 8.72
C ILE B 117 17.03 4.96 9.14
N ILE B 118 18.27 4.74 8.72
CA ILE B 118 18.97 3.52 9.00
C ILE B 118 19.40 3.43 10.47
N CYS B 119 19.65 4.57 11.10
CA CYS B 119 20.04 4.62 12.52
C CYS B 119 18.82 4.38 13.38
N ALA B 120 17.72 5.03 13.01
CA ALA B 120 16.46 4.89 13.74
C ALA B 120 16.07 3.42 13.81
N ILE B 121 16.47 2.65 12.80
CA ILE B 121 16.16 1.23 12.81
C ILE B 121 17.09 0.54 13.81
N GLU B 122 18.39 0.75 13.66
CA GLU B 122 19.37 0.13 14.55
C GLU B 122 18.84 0.31 15.96
N TYR B 123 18.51 1.55 16.27
CA TYR B 123 17.98 1.92 17.58
C TYR B 123 16.75 1.10 17.93
N CYS B 124 15.95 0.78 16.92
CA CYS B 124 14.72 0.03 17.12
C CYS B 124 14.85 -1.43 17.55
N HIS B 125 15.50 -2.25 16.73
CA HIS B 125 15.63 -3.66 17.04
C HIS B 125 16.45 -3.92 18.30
N ARG B 126 17.27 -2.98 18.71
CA ARG B 126 18.07 -3.16 19.91
C ARG B 126 17.19 -3.50 21.11
N HIS B 127 16.27 -2.60 21.42
CA HIS B 127 15.40 -2.74 22.60
C HIS B 127 14.04 -3.45 22.48
N LYS B 128 13.70 -3.94 21.30
CA LYS B 128 12.41 -4.62 21.10
C LYS B 128 11.33 -3.57 21.34
N ILE B 129 11.49 -2.41 20.73
CA ILE B 129 10.54 -1.30 20.88
C ILE B 129 9.45 -1.32 19.82
N VAL B 130 9.69 -2.06 18.75
CA VAL B 130 8.70 -2.25 17.70
C VAL B 130 8.12 -1.08 16.87
N HIS B 131 8.96 -0.40 16.08
CA HIS B 131 8.47 0.62 15.15
C HIS B 131 8.88 -0.18 13.96
N ARG B 132 8.04 -1.16 13.69
CA ARG B 132 8.29 -2.14 12.68
C ARG B 132 7.75 -2.10 11.24
N ASP B 133 6.45 -2.26 11.07
CA ASP B 133 5.89 -2.24 9.73
C ASP B 133 6.15 -0.82 9.25
N LEU B 134 7.40 -0.59 8.85
CA LEU B 134 7.87 0.70 8.38
C LEU B 134 7.76 0.85 6.86
N LYS B 135 6.55 0.69 6.35
CA LYS B 135 6.29 0.81 4.93
C LYS B 135 6.23 2.29 4.54
N PRO B 136 6.26 2.58 3.23
CA PRO B 136 6.20 3.97 2.74
C PRO B 136 5.52 5.02 3.63
N GLU B 137 4.19 5.12 3.53
CA GLU B 137 3.42 6.13 4.28
C GLU B 137 3.80 6.33 5.74
N ASN B 138 4.75 5.52 6.23
CA ASN B 138 5.18 5.60 7.61
C ASN B 138 6.44 6.47 7.82
N LEU B 139 6.98 7.02 6.73
CA LEU B 139 8.18 7.87 6.79
C LEU B 139 7.81 9.34 6.58
N LEU B 140 7.77 10.10 7.68
CA LEU B 140 7.41 11.52 7.62
C LEU B 140 8.58 12.52 7.51
N LEU B 141 8.22 13.80 7.49
CA LEU B 141 9.15 14.90 7.36
C LEU B 141 8.63 16.14 8.06
N ASP B 142 9.33 16.62 9.10
CA ASP B 142 8.86 17.84 9.77
C ASP B 142 9.33 19.02 8.92
N ASP B 143 8.86 20.22 9.25
CA ASP B 143 9.25 21.38 8.46
C ASP B 143 10.71 21.78 8.62
N ASN B 144 11.44 21.03 9.44
CA ASN B 144 12.88 21.25 9.65
C ASN B 144 13.55 20.31 8.67
N LEU B 145 12.75 19.72 7.79
CA LEU B 145 13.19 18.75 6.79
C LEU B 145 13.89 17.53 7.38
N ASN B 146 13.40 17.09 8.55
CA ASN B 146 13.94 15.91 9.24
C ASN B 146 12.98 14.71 9.12
N VAL B 147 13.57 13.53 8.99
CA VAL B 147 12.81 12.29 8.86
C VAL B 147 12.34 11.73 10.19
N LYS B 148 11.06 11.34 10.25
CA LYS B 148 10.48 10.79 11.47
C LYS B 148 9.74 9.49 11.14
N ILE B 149 10.15 8.40 11.75
CA ILE B 149 9.46 7.14 11.51
C ILE B 149 8.24 7.17 12.42
N ALA B 150 7.11 6.68 11.92
CA ALA B 150 5.90 6.69 12.72
C ALA B 150 5.42 5.29 13.01
N ASP B 151 4.23 5.19 13.61
CA ASP B 151 3.71 3.87 13.84
C ASP B 151 2.33 3.57 13.29
N PHE B 152 1.43 3.17 14.17
CA PHE B 152 0.18 2.65 13.69
C PHE B 152 -1.11 2.85 14.47
N GLY B 153 -1.02 2.58 15.77
CA GLY B 153 -2.17 2.66 16.65
C GLY B 153 -2.19 3.89 17.51
N LEU B 154 -1.01 4.44 17.72
CA LEU B 154 -0.86 5.65 18.50
C LEU B 154 0.50 6.07 17.99
N SER B 155 0.63 7.37 17.76
CA SER B 155 1.68 7.93 16.91
C SER B 155 1.08 8.05 15.52
N ASN B 156 -0.05 7.41 15.34
CA ASN B 156 -0.72 7.45 14.05
C ASN B 156 -1.70 8.62 14.00
N ILE B 157 -1.33 9.65 13.26
CA ILE B 157 -2.18 10.83 13.12
C ILE B 157 -2.91 10.78 11.78
N MET B 158 -2.72 9.65 11.09
CA MET B 158 -3.33 9.42 9.79
C MET B 158 -4.82 9.26 10.01
N THR B 159 -5.59 9.92 9.16
CA THR B 159 -7.02 9.89 9.35
C THR B 159 -7.96 9.86 8.22
N ASP B 160 -9.16 9.48 8.59
CA ASP B 160 -10.26 9.53 7.69
C ASP B 160 -10.06 8.68 6.43
N GLY B 161 -10.12 9.31 5.27
CA GLY B 161 -9.96 8.55 4.03
C GLY B 161 -8.58 7.98 3.65
N ASN B 162 -7.53 8.59 4.15
CA ASN B 162 -6.20 8.12 3.85
C ASN B 162 -5.95 6.97 4.79
N PHE B 163 -6.57 7.05 5.96
CA PHE B 163 -6.42 6.00 6.94
C PHE B 163 -7.03 4.72 6.39
N LEU B 164 -8.20 4.88 5.76
CA LEU B 164 -8.93 3.75 5.18
C LEU B 164 -8.14 3.07 4.06
N LYS B 165 -7.89 3.84 2.99
CA LYS B 165 -7.14 3.35 1.84
C LYS B 165 -5.80 2.73 2.26
N THR B 166 -5.09 3.35 3.19
CA THR B 166 -3.82 2.76 3.60
C THR B 166 -4.06 1.46 4.38
N SER B 167 -5.15 1.39 5.15
CA SER B 167 -5.41 0.16 5.88
C SER B 167 -5.75 -1.02 4.98
N CYS B 168 -6.57 -0.86 3.93
CA CYS B 168 -6.77 -2.07 3.13
C CYS B 168 -5.74 -2.21 2.03
N GLY B 169 -4.56 -1.72 2.34
CA GLY B 169 -3.41 -1.84 1.46
C GLY B 169 -2.48 -2.62 2.34
N SER B 170 -2.85 -2.66 3.62
CA SER B 170 -2.13 -3.35 4.67
C SER B 170 -2.28 -4.89 4.67
N PRO B 171 -1.26 -5.58 5.19
CA PRO B 171 -1.27 -7.04 5.26
C PRO B 171 -2.35 -7.56 6.20
N ASN B 172 -2.75 -6.74 7.18
CA ASN B 172 -3.80 -7.14 8.13
C ASN B 172 -5.12 -7.46 7.45
N TYR B 173 -5.35 -6.87 6.28
CA TYR B 173 -6.58 -7.10 5.55
C TYR B 173 -6.44 -7.88 4.24
N ALA B 174 -5.26 -8.48 4.04
CA ALA B 174 -5.02 -9.27 2.85
C ALA B 174 -5.48 -10.68 3.20
N ALA B 175 -5.72 -11.51 2.18
CA ALA B 175 -6.12 -12.91 2.40
C ALA B 175 -5.05 -13.49 3.33
N PRO B 176 -5.45 -13.98 4.52
CA PRO B 176 -4.56 -14.56 5.54
C PRO B 176 -3.49 -15.58 5.09
N GLU B 177 -3.82 -16.34 4.07
CA GLU B 177 -2.98 -17.39 3.48
C GLU B 177 -1.79 -16.79 2.72
N VAL B 178 -2.05 -15.66 2.09
CA VAL B 178 -1.06 -14.97 1.28
C VAL B 178 0.04 -14.23 2.06
N ILE B 179 -0.17 -13.97 3.35
CA ILE B 179 0.78 -13.21 4.13
C ILE B 179 1.38 -13.85 5.36
N ASN B 180 1.95 -15.04 5.27
CA ASN B 180 2.51 -15.63 6.49
C ASN B 180 3.56 -14.74 7.16
N GLY B 181 3.17 -14.18 8.30
CA GLY B 181 4.02 -13.29 9.06
C GLY B 181 5.44 -13.76 9.25
N LYS B 182 6.35 -13.19 8.46
CA LYS B 182 7.77 -13.50 8.54
C LYS B 182 8.46 -12.14 8.58
N LEU B 183 7.67 -11.09 8.31
CA LEU B 183 8.15 -9.71 8.33
C LEU B 183 8.06 -9.22 9.76
N TYR B 184 7.47 -10.05 10.61
CA TYR B 184 7.31 -9.73 12.02
C TYR B 184 8.63 -9.96 12.73
N ALA B 185 9.65 -10.32 11.94
CA ALA B 185 10.97 -10.61 12.50
C ALA B 185 11.94 -9.43 12.59
N GLY B 186 13.22 -9.73 12.45
CA GLY B 186 14.27 -8.72 12.56
C GLY B 186 14.76 -7.92 11.36
N PRO B 187 15.99 -7.39 11.44
CA PRO B 187 16.65 -6.58 10.40
C PRO B 187 16.25 -7.00 8.98
N GLU B 188 16.27 -8.30 8.76
CA GLU B 188 15.96 -8.92 7.46
C GLU B 188 15.01 -8.18 6.51
N VAL B 189 13.79 -7.88 6.94
CA VAL B 189 12.84 -7.21 6.07
C VAL B 189 12.90 -5.67 6.11
N ASP B 190 13.38 -5.10 7.21
CA ASP B 190 13.50 -3.65 7.29
C ASP B 190 14.57 -3.24 6.30
N VAL B 191 15.58 -4.08 6.16
CA VAL B 191 16.66 -3.78 5.24
C VAL B 191 16.07 -3.55 3.85
N TRP B 192 15.33 -4.54 3.36
CA TRP B 192 14.68 -4.46 2.05
C TRP B 192 13.91 -3.16 1.86
N SER B 193 13.24 -2.70 2.91
CA SER B 193 12.49 -1.46 2.82
C SER B 193 13.42 -0.24 2.77
N CYS B 194 14.58 -0.36 3.41
CA CYS B 194 15.56 0.71 3.37
C CYS B 194 16.12 0.63 1.95
N GLY B 195 16.17 -0.58 1.41
CA GLY B 195 16.66 -0.73 0.07
C GLY B 195 15.78 0.08 -0.87
N ILE B 196 14.48 -0.21 -0.82
CA ILE B 196 13.46 0.45 -1.64
C ILE B 196 13.49 1.98 -1.51
N VAL B 197 13.53 2.44 -0.25
CA VAL B 197 13.54 3.88 0.04
C VAL B 197 14.69 4.65 -0.59
N LEU B 198 15.88 4.07 -0.50
CA LEU B 198 17.09 4.66 -1.05
C LEU B 198 16.94 4.81 -2.55
N TYR B 199 16.57 3.71 -3.22
CA TYR B 199 16.38 3.76 -4.67
C TYR B 199 15.42 4.87 -5.07
N VAL B 200 14.30 4.98 -4.36
CA VAL B 200 13.32 6.00 -4.70
C VAL B 200 13.86 7.41 -4.43
N MET B 201 14.60 7.57 -3.33
CA MET B 201 15.18 8.87 -3.02
C MET B 201 16.16 9.31 -4.11
N LEU B 202 17.11 8.44 -4.43
CA LEU B 202 18.12 8.72 -5.45
C LEU B 202 17.68 8.68 -6.92
N VAL B 203 16.75 7.79 -7.27
CA VAL B 203 16.30 7.70 -8.65
C VAL B 203 15.08 8.58 -8.92
N GLY B 204 14.15 8.62 -7.97
CA GLY B 204 12.97 9.43 -8.18
C GLY B 204 11.73 8.67 -8.61
N ARG B 205 11.86 7.37 -8.88
CA ARG B 205 10.68 6.60 -9.26
C ARG B 205 10.69 5.24 -8.58
N LEU B 206 9.68 4.42 -8.86
CA LEU B 206 9.63 3.12 -8.22
C LEU B 206 10.50 2.06 -8.88
N PRO B 207 11.20 1.29 -8.04
CA PRO B 207 12.10 0.22 -8.48
C PRO B 207 11.38 -0.73 -9.40
N PHE B 208 10.30 -1.33 -8.90
CA PHE B 208 9.54 -2.28 -9.69
C PHE B 208 8.29 -1.66 -10.32
N ASP B 209 7.81 -2.29 -11.39
CA ASP B 209 6.61 -1.86 -12.12
C ASP B 209 5.66 -3.02 -11.87
N ASP B 210 4.72 -2.84 -10.94
CA ASP B 210 3.81 -3.89 -10.55
C ASP B 210 3.08 -4.62 -11.68
N GLU B 211 3.06 -4.03 -12.87
CA GLU B 211 2.46 -4.73 -13.99
C GLU B 211 3.48 -5.69 -14.57
N PHE B 212 4.75 -5.38 -14.49
CA PHE B 212 5.71 -6.41 -14.84
C PHE B 212 6.47 -7.07 -13.74
N ILE B 213 5.86 -7.18 -12.58
CA ILE B 213 5.72 -8.45 -11.93
C ILE B 213 6.07 -8.25 -10.48
N TYR B 225 14.98 -5.39 -11.41
CA TYR B 225 14.83 -3.92 -11.62
C TYR B 225 16.02 -3.37 -12.39
N VAL B 226 16.07 -2.05 -12.52
CA VAL B 226 17.14 -1.40 -13.26
C VAL B 226 17.85 -0.29 -12.47
N MET B 227 19.18 -0.25 -12.61
CA MET B 227 20.01 0.75 -11.94
C MET B 227 20.32 1.86 -12.96
N PRO B 228 19.91 3.09 -12.67
CA PRO B 228 20.19 4.16 -13.63
C PRO B 228 21.67 4.55 -13.47
N ASP B 229 22.33 4.75 -14.61
CA ASP B 229 23.75 5.11 -14.63
C ASP B 229 24.20 6.24 -13.71
N PHE B 230 23.45 7.34 -13.68
CA PHE B 230 23.82 8.50 -12.89
C PHE B 230 24.10 8.32 -11.38
N LEU B 231 24.11 7.07 -10.92
CA LEU B 231 24.37 6.82 -9.51
C LEU B 231 25.81 6.40 -9.20
N SER B 232 26.40 7.04 -8.18
CA SER B 232 27.76 6.75 -7.75
C SER B 232 27.95 5.24 -7.70
N PRO B 233 29.17 4.75 -8.00
CA PRO B 233 29.40 3.30 -7.95
C PRO B 233 29.10 2.75 -6.56
N GLY B 234 29.22 3.62 -5.57
CA GLY B 234 28.97 3.21 -4.19
C GLY B 234 27.50 2.96 -3.90
N ALA B 235 26.67 3.92 -4.28
CA ALA B 235 25.23 3.81 -4.09
C ALA B 235 24.77 2.56 -4.82
N GLN B 236 25.05 2.49 -6.12
CA GLN B 236 24.66 1.33 -6.90
C GLN B 236 25.05 0.05 -6.18
N SER B 237 26.16 0.10 -5.46
CA SER B 237 26.64 -1.05 -4.71
C SER B 237 25.77 -1.27 -3.47
N LEU B 238 25.45 -0.17 -2.79
CA LEU B 238 24.65 -0.28 -1.58
C LEU B 238 23.19 -0.66 -1.89
N ILE B 239 22.62 -0.07 -2.94
CA ILE B 239 21.26 -0.43 -3.30
C ILE B 239 21.31 -1.91 -3.71
N ARG B 240 22.25 -2.24 -4.59
CA ARG B 240 22.39 -3.61 -5.06
C ARG B 240 22.50 -4.62 -3.94
N ARG B 241 22.91 -4.17 -2.75
CA ARG B 241 23.06 -5.10 -1.64
C ARG B 241 21.86 -5.22 -0.68
N MET B 242 20.88 -4.33 -0.82
CA MET B 242 19.69 -4.40 0.04
C MET B 242 18.51 -5.06 -0.67
N ILE B 243 18.25 -4.67 -1.91
CA ILE B 243 17.16 -5.29 -2.66
C ILE B 243 17.58 -6.70 -3.09
N VAL B 244 17.61 -7.66 -2.15
CA VAL B 244 17.96 -9.03 -2.54
C VAL B 244 16.89 -10.05 -2.17
N ALA B 245 16.34 -10.71 -3.19
CA ALA B 245 15.29 -11.71 -3.00
C ALA B 245 15.60 -12.67 -1.85
N ASP B 246 16.67 -13.45 -1.97
CA ASP B 246 17.04 -14.38 -0.89
C ASP B 246 17.53 -13.55 0.30
N PRO B 247 16.81 -13.60 1.43
CA PRO B 247 17.02 -12.92 2.72
C PRO B 247 18.34 -13.23 3.40
N MET B 248 18.63 -14.52 3.54
CA MET B 248 19.87 -14.96 4.15
C MET B 248 21.01 -14.31 3.37
N GLN B 249 20.76 -14.14 2.08
CA GLN B 249 21.71 -13.54 1.13
C GLN B 249 21.74 -12.02 1.13
N ARG B 250 21.04 -11.40 2.09
CA ARG B 250 20.95 -9.94 2.14
C ARG B 250 21.80 -9.26 3.21
N ILE B 251 22.30 -8.07 2.91
CA ILE B 251 23.13 -7.33 3.85
C ILE B 251 22.39 -7.06 5.15
N THR B 252 23.12 -7.05 6.25
CA THR B 252 22.49 -6.77 7.54
C THR B 252 22.65 -5.30 7.88
N ILE B 253 21.99 -4.87 8.96
CA ILE B 253 22.00 -3.48 9.39
C ILE B 253 23.35 -2.89 9.77
N GLN B 254 24.17 -3.65 10.50
CA GLN B 254 25.47 -3.14 10.90
C GLN B 254 26.51 -3.45 9.83
N GLU B 255 26.14 -4.33 8.91
CA GLU B 255 27.04 -4.67 7.80
C GLU B 255 26.99 -3.36 7.02
N ILE B 256 25.87 -2.65 7.16
CA ILE B 256 25.64 -1.38 6.48
C ILE B 256 26.31 -0.20 7.18
N ARG B 257 26.05 -0.08 8.48
CA ARG B 257 26.60 1.00 9.30
C ARG B 257 28.12 1.07 9.25
N ARG B 258 28.75 0.12 8.56
CA ARG B 258 30.20 0.06 8.42
C ARG B 258 30.61 0.29 6.96
N ASP B 259 29.64 0.38 6.07
CA ASP B 259 29.93 0.60 4.64
C ASP B 259 30.51 1.99 4.38
N PRO B 260 31.57 2.03 3.55
CA PRO B 260 32.29 3.25 3.15
C PRO B 260 31.35 4.37 2.71
N TRP B 261 30.70 4.14 1.56
CA TRP B 261 29.76 5.08 0.96
C TRP B 261 28.83 5.60 2.03
N PHE B 262 28.21 4.68 2.75
CA PHE B 262 27.28 5.06 3.79
C PHE B 262 27.81 6.13 4.72
N ASN B 263 28.91 5.82 5.40
CA ASN B 263 29.50 6.72 6.39
C ASN B 263 29.89 8.14 6.01
N VAL B 264 30.09 8.40 4.72
CA VAL B 264 30.45 9.75 4.26
C VAL B 264 29.54 10.83 4.87
N ASN B 265 30.13 11.96 5.24
CA ASN B 265 29.41 13.09 5.85
C ASN B 265 28.48 12.77 7.03
N LEU B 266 28.71 11.62 7.67
CA LEU B 266 27.90 11.19 8.82
C LEU B 266 28.10 12.06 10.07
N PRO B 267 27.05 12.81 10.46
CA PRO B 267 27.06 13.70 11.63
C PRO B 267 27.53 13.03 12.91
N ASP B 268 27.65 13.84 13.96
CA ASP B 268 28.12 13.39 15.27
C ASP B 268 27.27 12.35 15.99
N TYR B 269 26.16 12.81 16.59
CA TYR B 269 25.25 11.98 17.36
C TYR B 269 24.85 10.65 16.75
N LEU B 270 25.10 10.48 15.46
CA LEU B 270 24.74 9.24 14.78
C LEU B 270 25.85 8.19 14.73
N ARG B 271 27.10 8.63 14.65
CA ARG B 271 28.21 7.70 14.56
C ARG B 271 28.06 6.52 15.53
N PRO B 272 28.52 5.33 15.10
CA PRO B 272 28.48 4.07 15.86
C PRO B 272 29.08 4.18 17.28
N MET B 273 28.25 4.05 18.30
CA MET B 273 28.74 4.10 19.68
C MET B 273 29.25 2.72 20.11
N GLU B 274 28.94 2.29 21.33
CA GLU B 274 29.36 0.98 21.82
C GLU B 274 28.71 0.66 23.16
N GLU B 275 29.05 1.47 24.16
CA GLU B 275 28.52 1.34 25.50
C GLU B 275 29.11 0.33 26.51
N VAL B 276 29.62 0.86 27.66
CA VAL B 276 30.10 0.06 28.86
C VAL B 276 28.92 -0.02 29.66
N GLN B 277 28.38 -1.22 29.89
CA GLN B 277 27.21 -1.34 30.77
C GLN B 277 27.13 -0.34 31.95
N GLY B 278 28.22 -0.14 32.68
CA GLY B 278 28.22 0.81 33.79
C GLY B 278 27.27 0.52 34.93
N SER B 279 27.36 1.35 35.96
CA SER B 279 26.51 1.18 37.15
C SER B 279 25.08 1.63 36.94
N TYR B 280 24.15 0.77 37.34
CA TYR B 280 22.73 1.06 37.24
C TYR B 280 22.33 1.78 38.51
N ALA B 281 22.77 3.02 38.64
CA ALA B 281 22.48 3.81 39.83
C ALA B 281 22.01 5.22 39.52
N ASP B 282 22.18 5.65 38.27
CA ASP B 282 21.82 7.01 37.87
C ASP B 282 20.78 7.69 38.74
N SER B 283 19.66 7.01 39.00
CA SER B 283 18.56 7.54 39.81
C SER B 283 17.90 8.76 39.15
N ARG B 284 18.63 9.43 38.27
CA ARG B 284 18.09 10.59 37.57
C ARG B 284 17.13 9.99 36.53
N ILE B 285 17.11 8.67 36.46
CA ILE B 285 16.23 7.95 35.55
C ILE B 285 15.48 6.85 36.29
N VAL B 286 15.93 6.52 37.48
CA VAL B 286 15.25 5.53 38.30
C VAL B 286 14.00 6.27 38.77
N SER B 287 14.04 7.59 38.57
CA SER B 287 12.93 8.48 38.90
C SER B 287 12.04 8.57 37.67
N LYS B 288 12.69 8.67 36.50
CA LYS B 288 11.95 8.75 35.24
C LYS B 288 11.43 7.36 34.85
N LEU B 289 11.85 6.34 35.61
CA LEU B 289 11.40 4.98 35.36
C LEU B 289 9.95 4.86 35.78
N GLY B 290 9.69 5.12 37.06
CA GLY B 290 8.33 5.04 37.57
C GLY B 290 7.36 5.91 36.79
N GLU B 291 7.79 7.12 36.44
CA GLU B 291 6.95 8.06 35.69
C GLU B 291 6.28 7.52 34.42
N ALA B 292 6.85 6.45 33.87
CA ALA B 292 6.30 5.86 32.65
C ALA B 292 5.68 4.49 32.88
N MET B 293 6.52 3.49 33.14
CA MET B 293 6.05 2.14 33.37
C MET B 293 5.13 2.10 34.59
N GLY B 294 5.60 2.68 35.69
CA GLY B 294 4.83 2.70 36.93
C GLY B 294 5.67 2.19 38.08
N PHE B 295 5.14 1.17 38.77
CA PHE B 295 5.85 0.54 39.87
C PHE B 295 6.35 1.50 40.97
N SER B 296 7.54 1.22 41.49
CA SER B 296 8.12 2.05 42.56
C SER B 296 9.65 2.06 42.55
N GLU B 297 10.24 2.97 43.34
CA GLU B 297 11.69 3.10 43.41
C GLU B 297 12.39 1.84 43.96
N ASP B 298 12.02 1.43 45.17
CA ASP B 298 12.62 0.26 45.80
C ASP B 298 12.34 -1.02 45.02
N TYR B 299 11.08 -1.23 44.69
CA TYR B 299 10.63 -2.38 43.93
C TYR B 299 11.33 -2.41 42.56
N ILE B 300 11.82 -1.24 42.14
CA ILE B 300 12.56 -1.13 40.88
C ILE B 300 14.01 -1.49 41.19
N VAL B 301 14.58 -0.86 42.21
CA VAL B 301 15.95 -1.15 42.61
C VAL B 301 16.03 -2.61 43.07
N GLU B 302 14.86 -3.21 43.28
CA GLU B 302 14.78 -4.60 43.69
C GLU B 302 15.12 -5.48 42.49
N ALA B 303 14.66 -5.07 41.31
CA ALA B 303 14.93 -5.81 40.09
C ALA B 303 16.35 -5.48 39.62
N LEU B 304 17.05 -4.65 40.39
CA LEU B 304 18.42 -4.28 40.04
C LEU B 304 19.39 -5.41 40.31
N ARG B 305 19.45 -5.83 41.57
CA ARG B 305 20.35 -6.89 41.99
C ARG B 305 20.00 -8.29 41.44
N SER B 306 18.73 -8.51 41.14
CA SER B 306 18.30 -9.78 40.54
C SER B 306 18.93 -9.67 39.17
N ASP B 307 20.16 -10.16 39.08
CA ASP B 307 21.01 -10.11 37.89
C ASP B 307 20.44 -10.31 36.48
N GLU B 308 19.73 -11.42 36.26
CA GLU B 308 19.15 -11.76 34.96
C GLU B 308 18.53 -10.57 34.21
N ASN B 309 19.07 -10.28 33.03
CA ASN B 309 18.57 -9.20 32.17
C ASN B 309 17.06 -9.12 32.35
N ASN B 310 16.64 -8.33 33.34
CA ASN B 310 15.23 -8.14 33.71
C ASN B 310 14.22 -7.85 32.60
N GLU B 311 13.45 -6.80 32.84
CA GLU B 311 12.45 -6.30 31.93
C GLU B 311 12.24 -4.90 32.48
N VAL B 312 13.24 -4.49 33.26
CA VAL B 312 13.31 -3.16 33.88
C VAL B 312 14.74 -2.69 33.71
N LYS B 313 15.68 -3.63 33.80
CA LYS B 313 17.09 -3.31 33.63
C LYS B 313 17.36 -2.94 32.18
N GLU B 314 16.52 -3.44 31.29
CA GLU B 314 16.66 -3.12 29.87
C GLU B 314 16.09 -1.73 29.64
N ALA B 315 15.31 -1.26 30.62
CA ALA B 315 14.70 0.07 30.55
C ALA B 315 15.72 1.14 30.93
N TYR B 316 16.78 0.71 31.62
CA TYR B 316 17.85 1.62 32.02
C TYR B 316 18.62 1.82 30.73
N ASN B 317 19.00 0.70 30.11
CA ASN B 317 19.74 0.70 28.86
C ASN B 317 19.17 1.70 27.85
N LEU B 318 17.84 1.73 27.75
CA LEU B 318 17.19 2.64 26.83
C LEU B 318 17.29 4.09 27.29
N LEU B 319 16.67 4.40 28.44
CA LEU B 319 16.68 5.76 28.96
C LEU B 319 18.08 6.38 28.95
N HIS B 320 19.08 5.59 29.34
CA HIS B 320 20.46 6.04 29.35
C HIS B 320 20.82 6.45 27.92
N GLU B 321 20.61 5.54 26.99
CA GLU B 321 20.93 5.79 25.58
C GLU B 321 20.23 7.02 25.02
N ASN B 322 19.04 7.31 25.54
CA ASN B 322 18.27 8.46 25.10
C ASN B 322 18.87 9.73 25.66
N GLN B 323 19.46 9.63 26.84
CA GLN B 323 20.07 10.79 27.47
C GLN B 323 21.44 11.09 26.87
N VAL B 324 22.12 10.04 26.41
CA VAL B 324 23.43 10.24 25.78
C VAL B 324 23.22 10.88 24.42
N ILE B 325 22.38 10.26 23.59
CA ILE B 325 22.08 10.79 22.27
C ILE B 325 21.43 12.17 22.42
N GLN B 326 21.12 12.54 23.66
CA GLN B 326 20.51 13.83 23.94
C GLN B 326 21.53 14.96 23.98
N GLU B 327 22.45 14.91 24.93
CA GLU B 327 23.47 15.94 25.04
C GLU B 327 24.32 15.92 23.77
N LYS B 328 24.35 14.77 23.10
CA LYS B 328 25.12 14.63 21.87
C LYS B 328 24.52 15.47 20.75
N LEU B 329 23.65 16.41 21.11
CA LEU B 329 23.00 17.26 20.11
C LEU B 329 23.58 18.67 20.10
N GLU B 330 23.45 19.36 21.24
CA GLU B 330 23.98 20.72 21.37
C GLU B 330 25.48 20.73 21.08
N HIS B 331 26.26 20.06 21.93
CA HIS B 331 27.71 20.00 21.77
C HIS B 331 28.14 18.67 21.13
#